data_1N2M
#
_entry.id   1N2M
#
_cell.length_a   56.260
_cell.length_b   91.310
_cell.length_c   86.200
_cell.angle_alpha   90.00
_cell.angle_beta   94.72
_cell.angle_gamma   90.00
#
_symmetry.space_group_name_H-M   'P 1 21 1'
#
loop_
_entity.id
_entity.type
_entity.pdbx_description
1 polymer 'Pyruvoyl-dependent arginine decarboxylase'
2 non-polymer (4R)-2-METHYLPENTANE-2,4-DIOL
3 water water
#
_entity_poly.entity_id   1
_entity_poly.type   'polypeptide(L)'
_entity_poly.pdbx_seq_one_letter_code
;MNAEINPLHAYFKLPNTVSLVAGSSEGETPLNAFDGALLNAGIGNVNLIRISAIMPPEAEIVPLPKLPMGALVPTAYGYI
ISDVPGETISAAISVAIPKDKSLCGLIMEYEGKCSKKEAEKTVREMAKIGFEMRGWELDRIESIAVEHTVEKLGCAFAAA
ALWYK
;
_entity_poly.pdbx_strand_id   A,B,C,D,E,F
#
# COMPACT_ATOMS: atom_id res chain seq x y z
N PRO A 7 -22.61 10.45 16.00
CA PRO A 7 -22.83 11.07 14.67
C PRO A 7 -24.32 11.27 14.41
N LEU A 8 -24.91 12.22 15.14
CA LEU A 8 -26.32 12.54 15.02
C LEU A 8 -26.65 13.24 13.71
N HIS A 9 -25.60 13.59 12.96
CA HIS A 9 -25.77 14.27 11.68
C HIS A 9 -24.74 13.71 10.71
N ALA A 10 -25.21 12.95 9.73
CA ALA A 10 -24.35 12.33 8.73
C ALA A 10 -23.49 13.38 8.04
N TYR A 11 -22.18 13.19 8.18
CA TYR A 11 -21.19 14.09 7.60
C TYR A 11 -20.77 13.53 6.24
N PHE A 12 -20.89 14.34 5.19
CA PHE A 12 -20.50 13.91 3.86
C PHE A 12 -19.01 13.69 3.83
N LYS A 13 -18.60 12.58 3.21
CA LYS A 13 -17.19 12.25 3.11
C LYS A 13 -16.88 11.33 1.96
N LEU A 14 -15.65 11.45 1.47
CA LEU A 14 -15.17 10.61 0.38
C LEU A 14 -14.67 9.33 1.03
N PRO A 15 -14.58 8.24 0.25
CA PRO A 15 -14.10 7.00 0.85
C PRO A 15 -12.73 7.24 1.48
N ASN A 16 -12.47 6.61 2.63
CA ASN A 16 -11.18 6.81 3.28
C ASN A 16 -10.37 5.54 3.45
N THR A 17 -10.83 4.45 2.84
CA THR A 17 -10.10 3.19 2.88
C THR A 17 -10.08 2.61 1.47
N VAL A 18 -9.00 1.91 1.17
CA VAL A 18 -8.86 1.25 -0.12
C VAL A 18 -8.35 -0.12 0.23
N SER A 19 -8.99 -1.15 -0.33
CA SER A 19 -8.59 -2.52 -0.05
C SER A 19 -8.36 -3.26 -1.35
N LEU A 20 -7.20 -3.88 -1.45
CA LEU A 20 -6.84 -4.64 -2.64
C LEU A 20 -7.24 -6.09 -2.47
N VAL A 21 -8.04 -6.57 -3.41
CA VAL A 21 -8.50 -7.96 -3.38
C VAL A 21 -8.36 -8.52 -4.78
N ALA A 22 -8.28 -9.83 -4.87
CA ALA A 22 -8.17 -10.49 -6.15
C ALA A 22 -8.64 -11.91 -5.98
N GLY A 23 -9.13 -12.48 -7.07
CA GLY A 23 -9.63 -13.84 -7.02
C GLY A 23 -9.91 -14.34 -8.42
N SER A 24 -10.17 -15.64 -8.51
CA SER A 24 -10.47 -16.27 -9.78
C SER A 24 -11.45 -17.38 -9.52
N SER A 25 -12.09 -17.85 -10.57
CA SER A 25 -13.06 -18.93 -10.45
C SER A 25 -13.55 -19.39 -11.80
N GLU A 26 -13.94 -20.66 -11.84
CA GLU A 26 -14.52 -21.25 -13.02
C GLU A 26 -16.00 -20.89 -12.90
N GLY A 27 -16.74 -21.05 -13.98
CA GLY A 27 -18.16 -20.75 -13.96
C GLY A 27 -18.83 -21.31 -15.19
N GLU A 28 -20.11 -21.62 -15.08
CA GLU A 28 -20.86 -22.17 -16.21
C GLU A 28 -21.16 -21.12 -17.26
N THR A 29 -21.07 -19.85 -16.87
CA THR A 29 -21.29 -18.72 -17.77
C THR A 29 -20.33 -17.61 -17.34
N PRO A 30 -20.07 -16.64 -18.23
CA PRO A 30 -19.17 -15.55 -17.90
C PRO A 30 -19.56 -14.83 -16.60
N LEU A 31 -20.85 -14.52 -16.45
CA LEU A 31 -21.32 -13.83 -15.25
C LEU A 31 -21.18 -14.71 -14.00
N ASN A 32 -21.44 -16.00 -14.13
CA ASN A 32 -21.29 -16.90 -12.99
C ASN A 32 -19.82 -17.02 -12.60
N ALA A 33 -18.93 -16.99 -13.58
CA ALA A 33 -17.50 -17.08 -13.32
C ALA A 33 -17.04 -15.79 -12.63
N PHE A 34 -17.60 -14.66 -13.08
CA PHE A 34 -17.28 -13.35 -12.52
C PHE A 34 -17.72 -13.34 -11.05
N ASP A 35 -18.97 -13.76 -10.83
CA ASP A 35 -19.54 -13.85 -9.48
C ASP A 35 -18.64 -14.76 -8.65
N GLY A 36 -18.17 -15.85 -9.26
CA GLY A 36 -17.29 -16.77 -8.56
C GLY A 36 -15.98 -16.09 -8.16
N ALA A 37 -15.42 -15.32 -9.09
CA ALA A 37 -14.17 -14.60 -8.87
C ALA A 37 -14.32 -13.62 -7.70
N LEU A 38 -15.44 -12.91 -7.68
CA LEU A 38 -15.74 -11.97 -6.61
C LEU A 38 -15.79 -12.69 -5.28
N LEU A 39 -16.49 -13.82 -5.26
CA LEU A 39 -16.61 -14.64 -4.05
C LEU A 39 -15.23 -15.12 -3.60
N ASN A 40 -14.40 -15.54 -4.55
CA ASN A 40 -13.05 -16.02 -4.25
C ASN A 40 -12.18 -14.87 -3.74
N ALA A 41 -12.45 -13.66 -4.23
CA ALA A 41 -11.70 -12.48 -3.82
C ALA A 41 -12.15 -11.95 -2.46
N GLY A 42 -13.25 -12.52 -1.95
CA GLY A 42 -13.78 -12.12 -0.66
C GLY A 42 -14.68 -10.88 -0.73
N ILE A 43 -15.18 -10.59 -1.92
CA ILE A 43 -16.03 -9.41 -2.12
C ILE A 43 -17.24 -9.80 -2.98
N GLY A 44 -17.69 -11.03 -2.81
CA GLY A 44 -18.80 -11.56 -3.60
C GLY A 44 -20.26 -11.25 -3.29
N ASN A 45 -20.56 -10.75 -2.10
CA ASN A 45 -21.95 -10.46 -1.75
C ASN A 45 -22.27 -8.99 -1.57
N VAL A 46 -21.54 -8.15 -2.30
CA VAL A 46 -21.77 -6.71 -2.27
C VAL A 46 -21.85 -6.25 -3.71
N ASN A 47 -22.38 -5.05 -3.91
CA ASN A 47 -22.51 -4.48 -5.24
C ASN A 47 -21.29 -3.62 -5.55
N LEU A 48 -20.61 -3.95 -6.63
CA LEU A 48 -19.44 -3.20 -7.05
C LEU A 48 -19.87 -2.10 -8.00
N ILE A 49 -19.57 -0.87 -7.64
CA ILE A 49 -19.88 0.27 -8.50
C ILE A 49 -18.53 0.63 -9.09
N ARG A 50 -18.36 0.37 -10.38
CA ARG A 50 -17.09 0.64 -11.04
C ARG A 50 -16.74 2.12 -11.08
N ILE A 51 -15.51 2.42 -10.68
CA ILE A 51 -14.98 3.79 -10.68
C ILE A 51 -13.77 3.85 -11.61
N SER A 52 -13.45 5.05 -12.09
CA SER A 52 -12.31 5.27 -12.99
C SER A 52 -10.98 5.01 -12.27
N ALA A 53 -11.04 4.94 -10.94
CA ALA A 53 -9.90 4.62 -10.09
C ALA A 53 -8.95 5.70 -9.57
N ILE A 54 -9.35 6.33 -8.48
CA ILE A 54 -8.55 7.35 -7.81
C ILE A 54 -8.69 7.11 -6.33
N MET A 55 -7.57 7.01 -5.63
CA MET A 55 -7.58 6.83 -4.19
C MET A 55 -7.65 8.23 -3.60
N PRO A 56 -8.71 8.53 -2.84
CA PRO A 56 -8.84 9.87 -2.26
C PRO A 56 -7.67 10.22 -1.34
N PRO A 57 -7.27 11.49 -1.31
CA PRO A 57 -6.15 11.93 -0.46
C PRO A 57 -6.42 11.47 0.96
N GLU A 58 -5.36 11.11 1.69
CA GLU A 58 -5.45 10.65 3.08
C GLU A 58 -6.20 9.33 3.28
N ALA A 59 -6.62 8.67 2.20
CA ALA A 59 -7.29 7.39 2.32
C ALA A 59 -6.22 6.39 2.70
N GLU A 60 -6.58 5.38 3.47
CA GLU A 60 -5.61 4.38 3.90
C GLU A 60 -5.84 3.02 3.27
N ILE A 61 -4.75 2.36 2.88
CA ILE A 61 -4.84 1.02 2.31
C ILE A 61 -4.96 0.09 3.50
N VAL A 62 -6.07 -0.63 3.58
CA VAL A 62 -6.31 -1.53 4.70
C VAL A 62 -6.88 -2.84 4.21
N PRO A 63 -6.85 -3.88 5.07
CA PRO A 63 -7.42 -5.16 4.61
C PRO A 63 -8.91 -4.93 4.39
N LEU A 64 -9.52 -5.71 3.49
CA LEU A 64 -10.93 -5.53 3.19
C LEU A 64 -11.77 -5.52 4.46
N PRO A 65 -12.52 -4.43 4.71
CA PRO A 65 -13.38 -4.30 5.89
C PRO A 65 -14.57 -5.25 5.79
N LYS A 66 -15.30 -5.39 6.90
CA LYS A 66 -16.49 -6.24 6.90
C LYS A 66 -17.56 -5.38 6.22
N LEU A 67 -17.92 -5.76 4.99
CA LEU A 67 -18.89 -5.01 4.22
C LEU A 67 -20.30 -5.52 4.39
N PRO A 68 -21.28 -4.60 4.49
CA PRO A 68 -22.68 -5.01 4.64
C PRO A 68 -23.09 -5.67 3.34
N MET A 69 -23.79 -6.80 3.42
CA MET A 69 -24.22 -7.48 2.20
C MET A 69 -25.09 -6.55 1.37
N GLY A 70 -24.80 -6.50 0.08
CA GLY A 70 -25.58 -5.64 -0.81
C GLY A 70 -25.08 -4.20 -0.87
N ALA A 71 -24.03 -3.88 -0.11
CA ALA A 71 -23.49 -2.53 -0.08
C ALA A 71 -23.05 -2.07 -1.47
N LEU A 72 -23.23 -0.78 -1.75
CA LEU A 72 -22.83 -0.22 -3.04
C LEU A 72 -21.41 0.29 -2.86
N VAL A 73 -20.45 -0.60 -3.13
CA VAL A 73 -19.03 -0.33 -2.95
C VAL A 73 -18.33 0.25 -4.18
N PRO A 74 -17.88 1.53 -4.10
CA PRO A 74 -17.18 2.16 -5.21
C PRO A 74 -15.93 1.32 -5.38
N THR A 75 -15.78 0.68 -6.54
CA THR A 75 -14.67 -0.23 -6.74
C THR A 75 -13.99 -0.11 -8.08
N ALA A 76 -12.66 0.00 -8.04
CA ALA A 76 -11.86 0.05 -9.25
C ALA A 76 -11.50 -1.40 -9.49
N TYR A 77 -11.85 -1.93 -10.65
CA TYR A 77 -11.50 -3.31 -10.91
C TYR A 77 -11.20 -3.63 -12.35
N GLY A 78 -10.53 -4.76 -12.51
CA GLY A 78 -10.17 -5.24 -13.81
C GLY A 78 -10.52 -6.71 -13.78
N TYR A 79 -10.96 -7.23 -14.91
CA TYR A 79 -11.30 -8.64 -14.97
C TYR A 79 -11.16 -9.14 -16.39
N ILE A 80 -11.05 -10.45 -16.51
CA ILE A 80 -10.92 -11.07 -17.81
C ILE A 80 -11.54 -12.43 -17.69
N ILE A 81 -12.30 -12.80 -18.70
CA ILE A 81 -12.95 -14.09 -18.75
C ILE A 81 -12.52 -14.80 -20.02
N SER A 82 -12.24 -16.09 -19.90
CA SER A 82 -11.84 -16.89 -21.05
C SER A 82 -12.47 -18.26 -21.00
N ASP A 83 -12.80 -18.80 -22.18
CA ASP A 83 -13.40 -20.13 -22.29
C ASP A 83 -12.43 -21.07 -23.00
N VAL A 84 -11.18 -20.63 -23.12
CA VAL A 84 -10.13 -21.42 -23.77
C VAL A 84 -9.44 -22.31 -22.74
N PRO A 85 -9.66 -23.63 -22.82
CA PRO A 85 -9.03 -24.56 -21.87
C PRO A 85 -7.51 -24.40 -21.87
N GLY A 86 -6.92 -24.38 -20.67
CA GLY A 86 -5.49 -24.25 -20.54
C GLY A 86 -4.93 -22.84 -20.65
N GLU A 87 -5.75 -21.89 -21.09
CA GLU A 87 -5.28 -20.52 -21.21
C GLU A 87 -5.16 -19.87 -19.83
N THR A 88 -4.02 -19.26 -19.56
CA THR A 88 -3.80 -18.60 -18.29
C THR A 88 -4.15 -17.12 -18.42
N ILE A 89 -5.08 -16.66 -17.58
CA ILE A 89 -5.51 -15.28 -17.62
C ILE A 89 -5.18 -14.62 -16.28
N SER A 90 -4.93 -13.33 -16.31
CA SER A 90 -4.60 -12.60 -15.10
C SER A 90 -5.25 -11.23 -15.01
N ALA A 91 -5.35 -10.75 -13.78
CA ALA A 91 -5.91 -9.43 -13.49
C ALA A 91 -5.04 -8.87 -12.39
N ALA A 92 -4.77 -7.58 -12.47
CA ALA A 92 -3.92 -6.92 -11.49
C ALA A 92 -4.40 -5.50 -11.23
N ILE A 93 -4.18 -5.04 -10.01
CA ILE A 93 -4.55 -3.70 -9.59
C ILE A 93 -3.32 -3.08 -8.92
N SER A 94 -3.08 -1.80 -9.19
CA SER A 94 -1.97 -1.11 -8.56
C SER A 94 -2.53 0.19 -8.02
N VAL A 95 -1.93 0.67 -6.94
CA VAL A 95 -2.32 1.92 -6.32
C VAL A 95 -1.05 2.74 -6.11
N ALA A 96 -0.89 3.78 -6.92
CA ALA A 96 0.27 4.66 -6.83
C ALA A 96 0.00 5.66 -5.71
N ILE A 97 0.86 5.67 -4.70
CA ILE A 97 0.72 6.57 -3.55
C ILE A 97 1.67 7.75 -3.66
N PRO A 98 1.16 8.97 -3.45
CA PRO A 98 1.97 10.19 -3.53
C PRO A 98 2.77 10.53 -2.27
N LYS A 99 3.88 11.23 -2.46
CA LYS A 99 4.70 11.67 -1.33
C LYS A 99 3.95 12.84 -0.71
N ASP A 100 3.33 13.65 -1.57
CA ASP A 100 2.54 14.80 -1.13
C ASP A 100 1.18 14.21 -0.75
N LYS A 101 0.91 14.14 0.55
CA LYS A 101 -0.33 13.57 1.06
C LYS A 101 -1.60 14.35 0.77
N SER A 102 -1.47 15.57 0.24
CA SER A 102 -2.64 16.36 -0.10
C SER A 102 -3.12 15.96 -1.51
N LEU A 103 -2.30 15.15 -2.19
CA LEU A 103 -2.66 14.69 -3.52
C LEU A 103 -3.29 13.30 -3.41
N CYS A 104 -3.92 12.87 -4.49
CA CYS A 104 -4.59 11.57 -4.50
C CYS A 104 -3.69 10.44 -5.00
N GLY A 105 -4.12 9.22 -4.73
CA GLY A 105 -3.38 8.08 -5.21
C GLY A 105 -4.02 7.70 -6.52
N LEU A 106 -3.27 7.04 -7.39
N LEU A 106 -3.26 7.03 -7.39
CA LEU A 106 -3.78 6.61 -8.69
CA LEU A 106 -3.80 6.60 -8.68
C LEU A 106 -3.98 5.10 -8.70
C LEU A 106 -3.99 5.09 -8.68
N ILE A 107 -5.17 4.66 -9.10
CA ILE A 107 -5.46 3.25 -9.16
C ILE A 107 -5.50 2.83 -10.61
N MET A 108 -4.71 1.83 -10.94
CA MET A 108 -4.65 1.31 -12.29
C MET A 108 -5.07 -0.14 -12.24
N GLU A 109 -5.66 -0.61 -13.34
CA GLU A 109 -6.09 -1.98 -13.44
C GLU A 109 -5.56 -2.55 -14.73
N TYR A 110 -5.33 -3.86 -14.74
CA TYR A 110 -4.83 -4.52 -15.93
C TYR A 110 -5.31 -5.96 -15.97
N GLU A 111 -5.64 -6.40 -17.17
N GLU A 111 -5.65 -6.42 -17.17
CA GLU A 111 -6.14 -7.76 -17.39
CA GLU A 111 -6.10 -7.79 -17.36
C GLU A 111 -5.62 -8.27 -18.73
C GLU A 111 -5.57 -8.26 -18.71
N GLY A 112 -5.30 -9.55 -18.81
CA GLY A 112 -4.81 -10.09 -20.06
C GLY A 112 -4.49 -11.56 -19.98
N LYS A 113 -4.22 -12.13 -21.14
CA LYS A 113 -3.86 -13.53 -21.25
C LYS A 113 -2.36 -13.57 -20.99
N CYS A 114 -2.00 -13.49 -19.72
CA CYS A 114 -0.62 -13.49 -19.29
C CYS A 114 -0.53 -14.04 -17.88
N SER A 115 0.69 -14.16 -17.37
CA SER A 115 0.91 -14.67 -16.03
C SER A 115 0.64 -13.58 -14.99
N LYS A 116 0.51 -13.99 -13.74
CA LYS A 116 0.28 -13.11 -12.61
C LYS A 116 1.41 -12.09 -12.53
N LYS A 117 2.64 -12.57 -12.69
CA LYS A 117 3.82 -11.72 -12.62
C LYS A 117 3.83 -10.60 -13.66
N GLU A 118 3.48 -10.93 -14.90
CA GLU A 118 3.46 -9.92 -15.96
C GLU A 118 2.37 -8.88 -15.68
N ALA A 119 1.19 -9.36 -15.33
CA ALA A 119 0.06 -8.48 -15.03
C ALA A 119 0.42 -7.49 -13.92
N GLU A 120 1.02 -8.00 -12.85
CA GLU A 120 1.39 -7.14 -11.74
C GLU A 120 2.45 -6.13 -12.17
N LYS A 121 3.44 -6.58 -12.94
CA LYS A 121 4.50 -5.69 -13.44
C LYS A 121 3.91 -4.61 -14.34
N THR A 122 3.00 -5.00 -15.22
CA THR A 122 2.38 -4.07 -16.15
C THR A 122 1.53 -3.02 -15.42
N VAL A 123 0.68 -3.48 -14.50
CA VAL A 123 -0.18 -2.57 -13.76
C VAL A 123 0.62 -1.61 -12.87
N ARG A 124 1.75 -2.08 -12.33
CA ARG A 124 2.58 -1.21 -11.49
C ARG A 124 3.23 -0.15 -12.36
N GLU A 125 3.65 -0.55 -13.56
CA GLU A 125 4.26 0.36 -14.51
C GLU A 125 3.25 1.41 -14.95
N MET A 126 2.00 0.99 -15.12
CA MET A 126 0.94 1.90 -15.53
C MET A 126 0.71 2.98 -14.48
N ALA A 127 0.78 2.58 -13.20
CA ALA A 127 0.60 3.52 -12.08
C ALA A 127 1.72 4.55 -12.09
N LYS A 128 2.94 4.07 -12.30
CA LYS A 128 4.13 4.92 -12.36
C LYS A 128 3.94 5.96 -13.47
N ILE A 129 3.56 5.47 -14.65
CA ILE A 129 3.33 6.34 -15.80
C ILE A 129 2.29 7.42 -15.49
N GLY A 130 1.22 7.04 -14.79
CA GLY A 130 0.19 8.00 -14.43
C GLY A 130 0.73 9.13 -13.57
N PHE A 131 1.64 8.80 -12.65
CA PHE A 131 2.23 9.80 -11.79
C PHE A 131 3.18 10.70 -12.56
N GLU A 132 3.86 10.13 -13.56
CA GLU A 132 4.78 10.89 -14.39
C GLU A 132 3.98 11.88 -15.24
N MET A 133 2.83 11.44 -15.73
CA MET A 133 1.98 12.31 -16.54
C MET A 133 1.51 13.50 -15.70
N ARG A 134 1.29 13.26 -14.40
CA ARG A 134 0.87 14.33 -13.51
C ARG A 134 2.05 15.13 -12.99
N GLY A 135 3.24 14.54 -13.09
CA GLY A 135 4.44 15.21 -12.61
C GLY A 135 4.45 15.21 -11.09
N TRP A 136 3.82 14.18 -10.51
CA TRP A 136 3.74 14.06 -9.06
C TRP A 136 4.82 13.14 -8.53
N GLU A 137 5.31 13.43 -7.33
N GLU A 137 5.32 13.44 -7.33
CA GLU A 137 6.34 12.61 -6.69
CA GLU A 137 6.34 12.60 -6.71
C GLU A 137 5.69 11.32 -6.19
C GLU A 137 5.70 11.33 -6.18
N LEU A 138 6.16 10.20 -6.69
CA LEU A 138 5.64 8.90 -6.28
C LEU A 138 6.31 8.38 -5.02
N ASP A 139 5.51 8.03 -4.03
CA ASP A 139 6.01 7.50 -2.76
C ASP A 139 6.29 6.02 -2.95
N ARG A 140 5.27 5.28 -3.37
CA ARG A 140 5.39 3.85 -3.59
C ARG A 140 4.16 3.33 -4.33
N ILE A 141 4.20 2.07 -4.71
CA ILE A 141 3.10 1.44 -5.41
C ILE A 141 2.73 0.14 -4.71
N GLU A 142 1.47 0.01 -4.35
CA GLU A 142 0.96 -1.20 -3.71
C GLU A 142 0.17 -1.88 -4.82
N SER A 143 0.33 -3.19 -4.94
CA SER A 143 -0.37 -3.91 -5.98
C SER A 143 -0.73 -5.32 -5.57
N ILE A 144 -1.64 -5.90 -6.34
CA ILE A 144 -2.11 -7.25 -6.12
C ILE A 144 -2.42 -7.79 -7.50
N ALA A 145 -2.27 -9.09 -7.68
CA ALA A 145 -2.53 -9.72 -8.96
C ALA A 145 -2.95 -11.16 -8.73
N VAL A 146 -3.65 -11.72 -9.71
CA VAL A 146 -4.10 -13.10 -9.62
C VAL A 146 -4.13 -13.66 -11.02
N GLU A 147 -3.81 -14.94 -11.15
CA GLU A 147 -3.85 -15.60 -12.43
C GLU A 147 -4.77 -16.79 -12.33
N HIS A 148 -5.33 -17.19 -13.46
CA HIS A 148 -6.24 -18.32 -13.49
C HIS A 148 -5.99 -19.12 -14.75
N THR A 149 -5.90 -20.44 -14.61
CA THR A 149 -5.70 -21.30 -15.76
C THR A 149 -7.07 -21.89 -16.03
N VAL A 150 -7.68 -21.44 -17.13
CA VAL A 150 -9.00 -21.88 -17.52
C VAL A 150 -9.12 -23.38 -17.74
N GLU A 151 -10.09 -24.00 -17.07
CA GLU A 151 -10.36 -25.42 -17.23
C GLU A 151 -11.38 -25.52 -18.37
N LYS A 152 -12.47 -24.76 -18.23
CA LYS A 152 -13.52 -24.71 -19.23
C LYS A 152 -13.92 -23.25 -19.47
N LEU A 153 -14.24 -22.55 -18.40
N LEU A 153 -14.23 -22.54 -18.39
CA LEU A 153 -14.63 -21.15 -18.46
CA LEU A 153 -14.62 -21.14 -18.47
C LEU A 153 -14.23 -20.51 -17.13
C LEU A 153 -14.23 -20.51 -17.14
N GLY A 154 -13.28 -19.59 -17.18
CA GLY A 154 -12.81 -18.95 -15.97
C GLY A 154 -12.69 -17.44 -16.02
N CYS A 155 -12.56 -16.85 -14.85
CA CYS A 155 -12.45 -15.41 -14.70
C CYS A 155 -11.40 -15.03 -13.68
N ALA A 156 -10.55 -14.08 -14.03
CA ALA A 156 -9.53 -13.57 -13.14
C ALA A 156 -10.02 -12.17 -12.81
N PHE A 157 -9.97 -11.80 -11.53
CA PHE A 157 -10.47 -10.50 -11.09
C PHE A 157 -9.58 -9.87 -10.02
N ALA A 158 -9.34 -8.58 -10.16
CA ALA A 158 -8.53 -7.84 -9.21
C ALA A 158 -9.23 -6.52 -8.97
N ALA A 159 -9.22 -6.05 -7.73
CA ALA A 159 -9.90 -4.82 -7.42
C ALA A 159 -9.34 -4.02 -6.26
N ALA A 160 -9.73 -2.76 -6.22
CA ALA A 160 -9.37 -1.85 -5.16
C ALA A 160 -10.73 -1.35 -4.68
N ALA A 161 -11.22 -1.93 -3.60
CA ALA A 161 -12.51 -1.55 -3.06
C ALA A 161 -12.36 -0.34 -2.15
N LEU A 162 -13.09 0.73 -2.46
CA LEU A 162 -13.06 1.95 -1.66
C LEU A 162 -14.19 1.89 -0.65
N TRP A 163 -13.88 2.15 0.61
CA TRP A 163 -14.93 2.12 1.60
C TRP A 163 -14.72 3.21 2.66
N TYR A 164 -15.43 3.09 3.77
CA TYR A 164 -15.36 4.08 4.84
C TYR A 164 -15.05 3.41 6.16
N LYS A 165 -14.03 3.92 6.85
CA LYS A 165 -13.59 3.40 8.14
C LYS A 165 -14.38 4.04 9.27
N ASN B 6 -30.89 27.57 4.49
CA ASN B 6 -29.77 26.88 3.78
C ASN B 6 -29.92 25.37 3.90
N PRO B 7 -30.09 24.67 2.76
CA PRO B 7 -30.24 23.22 2.70
C PRO B 7 -29.02 22.46 3.24
N LEU B 8 -29.28 21.50 4.13
CA LEU B 8 -28.23 20.67 4.71
C LEU B 8 -28.27 19.29 4.06
N HIS B 9 -27.20 18.52 4.25
CA HIS B 9 -27.11 17.17 3.68
C HIS B 9 -27.23 17.23 2.16
N ALA B 10 -26.89 18.37 1.58
CA ALA B 10 -26.97 18.58 0.13
C ALA B 10 -26.27 17.50 -0.68
N TYR B 11 -25.10 17.09 -0.23
CA TYR B 11 -24.33 16.06 -0.93
C TYR B 11 -24.97 14.67 -0.86
N PHE B 12 -25.92 14.49 0.05
CA PHE B 12 -26.60 13.21 0.19
C PHE B 12 -27.84 13.15 -0.68
N LYS B 13 -28.14 14.25 -1.36
CA LYS B 13 -29.28 14.35 -2.25
C LYS B 13 -28.81 14.27 -3.69
N LEU B 14 -29.71 14.57 -4.63
CA LEU B 14 -29.40 14.52 -6.06
C LEU B 14 -28.48 15.65 -6.52
N PRO B 15 -27.55 15.35 -7.45
CA PRO B 15 -26.63 16.39 -7.94
C PRO B 15 -27.48 17.48 -8.59
N ASN B 16 -27.06 18.74 -8.45
CA ASN B 16 -27.83 19.84 -9.04
C ASN B 16 -27.04 20.66 -10.07
N THR B 17 -25.87 20.16 -10.47
CA THR B 17 -25.08 20.83 -11.50
C THR B 17 -24.54 19.80 -12.47
N VAL B 18 -24.29 20.26 -13.68
CA VAL B 18 -23.73 19.40 -14.73
C VAL B 18 -22.67 20.24 -15.41
N SER B 19 -21.51 19.63 -15.65
CA SER B 19 -20.42 20.33 -16.30
C SER B 19 -19.94 19.53 -17.49
N LEU B 20 -19.88 20.18 -18.64
CA LEU B 20 -19.42 19.51 -19.85
C LEU B 20 -17.92 19.74 -19.98
N VAL B 21 -17.18 18.64 -20.01
CA VAL B 21 -15.73 18.69 -20.14
C VAL B 21 -15.33 17.72 -21.25
N ALA B 22 -14.16 17.94 -21.82
CA ALA B 22 -13.65 17.07 -22.87
C ALA B 22 -12.15 17.19 -22.91
N GLY B 23 -11.51 16.13 -23.38
CA GLY B 23 -10.06 16.14 -23.46
C GLY B 23 -9.55 14.92 -24.19
N SER B 24 -8.27 14.96 -24.55
CA SER B 24 -7.65 13.87 -25.26
C SER B 24 -6.21 13.75 -24.81
N SER B 25 -5.61 12.60 -25.08
CA SER B 25 -4.23 12.37 -24.69
C SER B 25 -3.69 11.09 -25.27
N GLU B 26 -2.38 11.07 -25.44
CA GLU B 26 -1.68 9.88 -25.90
C GLU B 26 -1.41 9.14 -24.61
N GLY B 27 -1.10 7.85 -24.72
CA GLY B 27 -0.81 7.07 -23.54
C GLY B 27 -0.02 5.85 -23.94
N GLU B 28 0.77 5.31 -23.02
CA GLU B 28 1.57 4.14 -23.31
C GLU B 28 0.71 2.87 -23.35
N THR B 29 -0.47 2.98 -22.75
CA THR B 29 -1.43 1.88 -22.72
C THR B 29 -2.81 2.54 -22.82
N PRO B 30 -3.84 1.76 -23.20
CA PRO B 30 -5.19 2.30 -23.32
C PRO B 30 -5.65 3.04 -22.05
N LEU B 31 -5.49 2.41 -20.89
CA LEU B 31 -5.90 3.03 -19.65
C LEU B 31 -5.10 4.30 -19.35
N ASN B 32 -3.81 4.29 -19.66
CA ASN B 32 -2.97 5.47 -19.45
C ASN B 32 -3.40 6.60 -20.36
N ALA B 33 -3.87 6.24 -21.55
CA ALA B 33 -4.35 7.22 -22.54
C ALA B 33 -5.66 7.79 -22.03
N PHE B 34 -6.52 6.90 -21.51
CA PHE B 34 -7.81 7.28 -20.95
C PHE B 34 -7.56 8.23 -19.77
N ASP B 35 -6.66 7.83 -18.88
CA ASP B 35 -6.30 8.63 -17.71
C ASP B 35 -5.79 10.00 -18.17
N GLY B 36 -4.97 9.98 -19.22
CA GLY B 36 -4.43 11.22 -19.75
C GLY B 36 -5.53 12.14 -20.28
N ALA B 37 -6.54 11.56 -20.93
CA ALA B 37 -7.64 12.33 -21.49
C ALA B 37 -8.46 12.96 -20.37
N LEU B 38 -8.73 12.18 -19.32
CA LEU B 38 -9.46 12.70 -18.17
C LEU B 38 -8.70 13.90 -17.59
N LEU B 39 -7.38 13.74 -17.44
CA LEU B 39 -6.53 14.81 -16.93
C LEU B 39 -6.61 16.03 -17.85
N ASN B 40 -6.54 15.78 -19.15
CA ASN B 40 -6.61 16.84 -20.14
C ASN B 40 -7.98 17.54 -20.10
N ALA B 41 -9.00 16.80 -19.69
CA ALA B 41 -10.36 17.33 -19.60
C ALA B 41 -10.58 18.09 -18.29
N GLY B 42 -9.66 17.92 -17.35
CA GLY B 42 -9.78 18.59 -16.06
C GLY B 42 -10.48 17.77 -14.99
N ILE B 43 -10.76 16.50 -15.26
N ILE B 43 -10.74 16.51 -15.30
CA ILE B 43 -11.41 15.63 -14.28
CA ILE B 43 -11.43 15.62 -14.38
C ILE B 43 -10.61 14.36 -14.05
C ILE B 43 -10.62 14.33 -14.17
N GLY B 44 -9.29 14.45 -14.24
CA GLY B 44 -8.42 13.30 -14.07
C GLY B 44 -8.15 12.83 -12.65
N ASN B 45 -8.50 13.63 -11.65
CA ASN B 45 -8.23 13.24 -10.28
C ASN B 45 -9.44 12.95 -9.40
N VAL B 46 -10.55 12.59 -10.04
CA VAL B 46 -11.76 12.22 -9.31
C VAL B 46 -12.20 10.88 -9.86
N ASN B 47 -13.06 10.19 -9.13
CA ASN B 47 -13.57 8.90 -9.57
C ASN B 47 -14.82 9.10 -10.41
N LEU B 48 -14.76 8.65 -11.66
CA LEU B 48 -15.91 8.77 -12.54
C LEU B 48 -16.81 7.55 -12.35
N ILE B 49 -18.08 7.80 -12.04
CA ILE B 49 -19.06 6.73 -11.88
C ILE B 49 -19.92 6.88 -13.13
N ARG B 50 -19.72 5.99 -14.10
CA ARG B 50 -20.48 6.11 -15.34
C ARG B 50 -21.98 5.95 -15.17
N ILE B 51 -22.72 6.94 -15.65
CA ILE B 51 -24.18 6.93 -15.57
C ILE B 51 -24.81 6.94 -16.95
N SER B 52 -26.07 6.54 -17.02
CA SER B 52 -26.84 6.48 -18.27
C SER B 52 -27.07 7.86 -18.89
N ALA B 53 -26.92 8.92 -18.07
CA ALA B 53 -27.04 10.31 -18.50
C ALA B 53 -28.39 11.06 -18.49
N ILE B 54 -28.71 11.65 -17.34
CA ILE B 54 -29.94 12.43 -17.17
C ILE B 54 -29.63 13.62 -16.25
N MET B 55 -29.86 14.83 -16.76
CA MET B 55 -29.63 16.02 -15.96
C MET B 55 -30.87 16.24 -15.09
N PRO B 56 -30.72 16.17 -13.75
CA PRO B 56 -31.85 16.35 -12.85
C PRO B 56 -32.60 17.66 -13.11
N PRO B 57 -33.93 17.65 -12.96
CA PRO B 57 -34.74 18.85 -13.18
C PRO B 57 -34.21 19.99 -12.30
N GLU B 58 -34.21 21.20 -12.85
CA GLU B 58 -33.74 22.39 -12.14
C GLU B 58 -32.21 22.45 -11.95
N ALA B 59 -31.50 21.46 -12.47
CA ALA B 59 -30.05 21.45 -12.37
C ALA B 59 -29.54 22.49 -13.35
N GLU B 60 -28.32 22.98 -13.11
CA GLU B 60 -27.76 24.00 -13.98
C GLU B 60 -26.43 23.54 -14.58
N ILE B 61 -26.21 23.92 -15.84
CA ILE B 61 -24.96 23.60 -16.51
C ILE B 61 -24.01 24.69 -16.01
N VAL B 62 -22.93 24.27 -15.36
CA VAL B 62 -21.96 25.22 -14.82
C VAL B 62 -20.56 24.82 -15.23
N PRO B 63 -19.61 25.76 -15.20
CA PRO B 63 -18.23 25.42 -15.55
C PRO B 63 -17.78 24.40 -14.50
N LEU B 64 -16.83 23.53 -14.84
CA LEU B 64 -16.37 22.52 -13.90
C LEU B 64 -15.99 23.13 -12.55
N PRO B 65 -16.63 22.67 -11.45
CA PRO B 65 -16.28 23.23 -10.15
C PRO B 65 -14.99 22.60 -9.63
N LYS B 66 -14.50 23.14 -8.52
CA LYS B 66 -13.30 22.63 -7.87
C LYS B 66 -13.75 21.32 -7.21
N LEU B 67 -13.38 20.19 -7.79
CA LEU B 67 -13.78 18.89 -7.25
C LEU B 67 -12.76 18.34 -6.27
N PRO B 68 -13.23 17.74 -5.16
CA PRO B 68 -12.29 17.19 -4.18
C PRO B 68 -11.68 15.97 -4.86
N MET B 69 -10.37 15.83 -4.81
CA MET B 69 -9.73 14.67 -5.44
C MET B 69 -10.30 13.39 -4.86
N GLY B 70 -10.61 12.44 -5.75
CA GLY B 70 -11.15 11.16 -5.31
C GLY B 70 -12.66 11.13 -5.24
N ALA B 71 -13.31 12.29 -5.44
CA ALA B 71 -14.76 12.37 -5.40
C ALA B 71 -15.40 11.35 -6.34
N LEU B 72 -16.54 10.79 -5.90
CA LEU B 72 -17.29 9.82 -6.69
C LEU B 72 -18.25 10.67 -7.54
N VAL B 73 -17.79 11.05 -8.72
CA VAL B 73 -18.56 11.91 -9.61
C VAL B 73 -19.43 11.17 -10.60
N PRO B 74 -20.77 11.28 -10.44
CA PRO B 74 -21.69 10.61 -11.37
C PRO B 74 -21.40 11.27 -12.71
N THR B 75 -20.92 10.48 -13.66
CA THR B 75 -20.53 11.03 -14.94
C THR B 75 -20.97 10.24 -16.16
N ALA B 76 -21.61 10.94 -17.09
CA ALA B 76 -22.02 10.34 -18.34
C ALA B 76 -20.84 10.69 -19.23
N TYR B 77 -20.28 9.71 -19.93
CA TYR B 77 -19.16 10.01 -20.79
C TYR B 77 -19.02 9.08 -21.97
N GLY B 78 -18.32 9.57 -22.97
CA GLY B 78 -18.05 8.83 -24.17
C GLY B 78 -16.55 8.94 -24.35
N TYR B 79 -15.93 7.88 -24.84
CA TYR B 79 -14.50 7.90 -25.06
C TYR B 79 -14.17 6.89 -26.16
N ILE B 80 -13.06 7.14 -26.83
CA ILE B 80 -12.61 6.26 -27.90
C ILE B 80 -11.09 6.21 -27.82
N ILE B 81 -10.57 5.00 -27.89
CA ILE B 81 -9.13 4.78 -27.84
C ILE B 81 -8.70 4.17 -29.15
N SER B 82 -7.62 4.69 -29.72
CA SER B 82 -7.10 4.19 -30.99
C SER B 82 -5.58 4.09 -30.96
N ASP B 83 -5.05 3.04 -31.55
CA ASP B 83 -3.61 2.84 -31.64
C ASP B 83 -3.18 2.86 -33.10
N VAL B 84 -3.97 3.53 -33.93
CA VAL B 84 -3.72 3.66 -35.36
C VAL B 84 -3.12 5.04 -35.60
N PRO B 85 -1.83 5.11 -35.94
CA PRO B 85 -1.17 6.39 -36.21
C PRO B 85 -1.88 7.23 -37.27
N GLY B 86 -2.04 8.52 -36.99
CA GLY B 86 -2.69 9.43 -37.92
C GLY B 86 -4.21 9.41 -37.92
N GLU B 87 -4.80 8.39 -37.29
CA GLU B 87 -6.26 8.30 -37.24
C GLU B 87 -6.84 9.37 -36.33
N THR B 88 -7.88 10.05 -36.80
CA THR B 88 -8.53 11.09 -36.02
C THR B 88 -9.75 10.53 -35.30
N ILE B 89 -9.71 10.57 -33.97
CA ILE B 89 -10.80 10.09 -33.16
C ILE B 89 -11.40 11.26 -32.41
N SER B 90 -12.72 11.22 -32.19
N SER B 90 -12.72 11.21 -32.17
CA SER B 90 -13.41 12.30 -31.49
CA SER B 90 -13.40 12.30 -31.49
C SER B 90 -14.41 11.80 -30.46
C SER B 90 -14.42 11.81 -30.48
N ALA B 91 -14.71 12.66 -29.50
CA ALA B 91 -15.67 12.36 -28.45
C ALA B 91 -16.43 13.65 -28.23
N ALA B 92 -17.73 13.54 -28.02
CA ALA B 92 -18.54 14.73 -27.80
C ALA B 92 -19.61 14.43 -26.77
N ILE B 93 -20.08 15.48 -26.10
CA ILE B 93 -21.09 15.35 -25.09
C ILE B 93 -22.11 16.45 -25.31
N SER B 94 -23.37 16.13 -25.07
CA SER B 94 -24.41 17.13 -25.23
C SER B 94 -25.46 16.98 -24.16
N VAL B 95 -26.14 18.08 -23.86
N VAL B 95 -26.11 18.09 -23.86
CA VAL B 95 -27.19 18.09 -22.88
CA VAL B 95 -27.18 18.14 -22.87
C VAL B 95 -28.31 18.97 -23.41
C VAL B 95 -28.31 18.98 -23.45
N ALA B 96 -29.47 18.36 -23.60
CA ALA B 96 -30.64 19.04 -24.11
C ALA B 96 -31.39 19.54 -22.89
N ILE B 97 -31.53 20.86 -22.80
CA ILE B 97 -32.24 21.50 -21.69
C ILE B 97 -33.67 21.79 -22.13
N PRO B 98 -34.65 21.37 -21.31
CA PRO B 98 -36.06 21.57 -21.61
C PRO B 98 -36.56 22.97 -21.26
N LYS B 99 -37.58 23.43 -21.97
CA LYS B 99 -38.21 24.72 -21.72
C LYS B 99 -38.90 24.58 -20.38
N ASP B 100 -39.61 23.46 -20.22
CA ASP B 100 -40.31 23.14 -18.99
C ASP B 100 -39.23 22.74 -17.99
N LYS B 101 -38.94 23.65 -17.07
CA LYS B 101 -37.90 23.42 -16.07
C LYS B 101 -38.20 22.32 -15.05
N SER B 102 -39.43 21.82 -15.04
CA SER B 102 -39.80 20.74 -14.13
C SER B 102 -39.36 19.41 -14.73
N LEU B 103 -38.93 19.44 -15.99
CA LEU B 103 -38.46 18.26 -16.69
C LEU B 103 -36.94 18.17 -16.60
N CYS B 104 -36.41 16.98 -16.88
CA CYS B 104 -34.97 16.77 -16.82
C CYS B 104 -34.27 17.05 -18.14
N GLY B 105 -32.96 17.24 -18.06
CA GLY B 105 -32.18 17.48 -19.26
C GLY B 105 -31.67 16.13 -19.73
N LEU B 106 -31.55 15.95 -21.04
N LEU B 106 -31.54 15.97 -21.04
CA LEU B 106 -31.07 14.70 -21.60
CA LEU B 106 -31.05 14.71 -21.60
C LEU B 106 -29.60 14.82 -21.97
C LEU B 106 -29.60 14.82 -21.97
N ILE B 107 -28.79 13.91 -21.44
CA ILE B 107 -27.38 13.91 -21.72
C ILE B 107 -27.06 12.80 -22.71
N MET B 108 -26.40 13.18 -23.79
CA MET B 108 -26.01 12.23 -24.82
C MET B 108 -24.51 12.28 -24.97
N GLU B 109 -23.92 11.13 -25.29
N GLU B 109 -23.92 11.13 -25.30
CA GLU B 109 -22.49 11.02 -25.48
CA GLU B 109 -22.48 11.06 -25.52
C GLU B 109 -22.24 10.35 -26.84
C GLU B 109 -22.26 10.38 -26.86
N TYR B 110 -21.15 10.73 -27.49
CA TYR B 110 -20.82 10.16 -28.78
C TYR B 110 -19.31 10.06 -28.92
N GLU B 111 -18.88 9.06 -29.68
CA GLU B 111 -17.47 8.84 -29.95
C GLU B 111 -17.36 8.14 -31.29
N GLY B 112 -16.23 8.33 -31.95
CA GLY B 112 -16.04 7.70 -33.25
C GLY B 112 -14.83 8.21 -33.99
N LYS B 113 -14.56 7.56 -35.11
CA LYS B 113 -13.44 7.93 -35.97
C LYS B 113 -13.97 8.98 -36.93
N CYS B 114 -14.01 10.21 -36.46
CA CYS B 114 -14.49 11.33 -37.24
C CYS B 114 -13.89 12.60 -36.65
N SER B 115 -14.27 13.75 -37.21
CA SER B 115 -13.77 15.04 -36.75
C SER B 115 -14.56 15.56 -35.55
N LYS B 116 -14.01 16.60 -34.92
CA LYS B 116 -14.64 17.25 -33.77
C LYS B 116 -16.00 17.82 -34.19
N LYS B 117 -16.04 18.39 -35.39
CA LYS B 117 -17.26 18.99 -35.94
C LYS B 117 -18.35 17.93 -36.10
N GLU B 118 -18.01 16.81 -36.73
CA GLU B 118 -18.98 15.74 -36.95
C GLU B 118 -19.48 15.13 -35.65
N ALA B 119 -18.57 14.91 -34.70
CA ALA B 119 -18.93 14.33 -33.42
C ALA B 119 -19.92 15.22 -32.68
N GLU B 120 -19.65 16.53 -32.69
CA GLU B 120 -20.52 17.47 -32.01
C GLU B 120 -21.89 17.56 -32.68
N LYS B 121 -21.91 17.61 -34.01
CA LYS B 121 -23.18 17.67 -34.75
C LYS B 121 -24.02 16.43 -34.43
N THR B 122 -23.36 15.27 -34.46
CA THR B 122 -24.02 14.01 -34.19
C THR B 122 -24.59 13.92 -32.78
N VAL B 123 -23.78 14.33 -31.79
CA VAL B 123 -24.21 14.27 -30.41
C VAL B 123 -25.33 15.27 -30.09
N ARG B 124 -25.38 16.39 -30.82
CA ARG B 124 -26.44 17.38 -30.60
C ARG B 124 -27.75 16.83 -31.14
N GLU B 125 -27.68 16.19 -32.30
CA GLU B 125 -28.87 15.60 -32.91
C GLU B 125 -29.40 14.46 -32.05
N MET B 126 -28.51 13.72 -31.40
CA MET B 126 -28.92 12.61 -30.52
C MET B 126 -29.72 13.15 -29.34
N ALA B 127 -29.30 14.29 -28.80
CA ALA B 127 -29.99 14.91 -27.67
C ALA B 127 -31.35 15.41 -28.16
N LYS B 128 -31.38 16.01 -29.35
CA LYS B 128 -32.62 16.53 -29.91
C LYS B 128 -33.60 15.39 -30.13
N ILE B 129 -33.11 14.27 -30.65
CA ILE B 129 -33.93 13.09 -30.89
C ILE B 129 -34.53 12.58 -29.58
N GLY B 130 -33.73 12.56 -28.53
CA GLY B 130 -34.22 12.08 -27.24
C GLY B 130 -35.41 12.90 -26.79
N PHE B 131 -35.32 14.21 -27.00
CA PHE B 131 -36.40 15.12 -26.65
C PHE B 131 -37.61 14.88 -27.55
N GLU B 132 -37.36 14.56 -28.81
CA GLU B 132 -38.41 14.27 -29.78
C GLU B 132 -39.17 13.00 -29.36
N MET B 133 -38.41 12.00 -28.90
CA MET B 133 -38.99 10.74 -28.45
C MET B 133 -39.87 10.94 -27.22
N ARG B 134 -39.53 11.95 -26.42
CA ARG B 134 -40.28 12.25 -25.21
C ARG B 134 -41.41 13.25 -25.47
N GLY B 135 -41.28 14.01 -26.56
CA GLY B 135 -42.27 15.01 -26.89
C GLY B 135 -42.05 16.25 -26.04
N TRP B 136 -40.80 16.47 -25.64
CA TRP B 136 -40.45 17.60 -24.80
C TRP B 136 -39.94 18.78 -25.61
N GLU B 137 -40.38 19.97 -25.21
CA GLU B 137 -39.99 21.19 -25.87
C GLU B 137 -38.55 21.53 -25.48
N LEU B 138 -37.76 21.89 -26.48
CA LEU B 138 -36.35 22.21 -26.28
C LEU B 138 -36.07 23.68 -25.98
N ASP B 139 -35.22 23.92 -25.00
CA ASP B 139 -34.80 25.28 -24.67
C ASP B 139 -33.55 25.49 -25.51
N ARG B 140 -32.57 24.60 -25.33
CA ARG B 140 -31.33 24.65 -26.06
C ARG B 140 -30.52 23.39 -25.81
N ILE B 141 -29.53 23.17 -26.66
CA ILE B 141 -28.65 22.04 -26.51
C ILE B 141 -27.25 22.60 -26.36
N GLU B 142 -26.61 22.24 -25.26
CA GLU B 142 -25.24 22.67 -25.00
C GLU B 142 -24.36 21.46 -25.24
N SER B 143 -23.22 21.69 -25.87
CA SER B 143 -22.32 20.59 -26.20
C SER B 143 -20.88 21.03 -26.35
N ILE B 144 -19.99 20.05 -26.31
CA ILE B 144 -18.57 20.30 -26.52
C ILE B 144 -18.04 18.99 -27.10
N ALA B 145 -17.02 19.11 -27.92
CA ALA B 145 -16.43 17.95 -28.54
C ALA B 145 -14.93 18.12 -28.53
N VAL B 146 -14.23 17.04 -28.82
CA VAL B 146 -12.78 17.07 -28.85
C VAL B 146 -12.33 16.02 -29.86
N GLU B 147 -11.27 16.32 -30.58
CA GLU B 147 -10.74 15.38 -31.55
C GLU B 147 -9.27 15.19 -31.22
N HIS B 148 -8.76 14.02 -31.56
CA HIS B 148 -7.37 13.70 -31.30
C HIS B 148 -6.79 12.93 -32.46
N THR B 149 -5.66 13.41 -32.97
CA THR B 149 -4.98 12.73 -34.05
C THR B 149 -3.96 11.84 -33.38
N VAL B 150 -4.17 10.54 -33.50
CA VAL B 150 -3.29 9.56 -32.87
C VAL B 150 -1.85 9.60 -33.37
N GLU B 151 -0.91 9.62 -32.43
CA GLU B 151 0.50 9.62 -32.77
C GLU B 151 0.95 8.18 -32.64
N LYS B 152 0.54 7.52 -31.56
CA LYS B 152 0.87 6.12 -31.32
C LYS B 152 -0.32 5.42 -30.68
N LEU B 153 -0.84 6.00 -29.61
CA LEU B 153 -1.99 5.44 -28.91
C LEU B 153 -2.67 6.62 -28.22
N GLY B 154 -3.86 6.98 -28.70
CA GLY B 154 -4.56 8.11 -28.13
C GLY B 154 -5.99 7.83 -27.72
N CYS B 155 -6.52 8.73 -26.89
CA CYS B 155 -7.89 8.62 -26.39
C CYS B 155 -8.58 9.98 -26.42
N ALA B 156 -9.78 10.01 -26.96
CA ALA B 156 -10.59 11.22 -27.03
C ALA B 156 -11.70 10.96 -26.01
N PHE B 157 -11.99 11.96 -25.18
CA PHE B 157 -12.98 11.80 -24.12
C PHE B 157 -13.84 13.04 -23.92
N ALA B 158 -15.14 12.82 -23.74
CA ALA B 158 -16.08 13.92 -23.50
C ALA B 158 -17.01 13.44 -22.40
N ALA B 159 -17.35 14.35 -21.48
CA ALA B 159 -18.18 13.96 -20.35
C ALA B 159 -19.06 15.05 -19.79
N ALA B 160 -20.11 14.61 -19.12
CA ALA B 160 -21.06 15.49 -18.45
C ALA B 160 -20.97 15.03 -17.01
N ALA B 161 -20.26 15.80 -16.20
CA ALA B 161 -20.06 15.48 -14.80
C ALA B 161 -21.14 16.12 -13.93
N LEU B 162 -21.84 15.30 -13.15
CA LEU B 162 -22.86 15.80 -12.25
C LEU B 162 -22.24 16.07 -10.89
N TRP B 163 -22.50 17.25 -10.35
CA TRP B 163 -21.98 17.58 -9.03
C TRP B 163 -22.93 18.47 -8.24
N TYR B 164 -22.41 19.15 -7.22
CA TYR B 164 -23.26 19.97 -6.36
C TYR B 164 -22.90 21.44 -6.28
N LYS B 165 -23.90 22.27 -5.99
CA LYS B 165 -23.73 23.73 -5.86
C LYS B 165 -22.78 24.05 -4.71
N ALA C 3 -36.55 12.96 0.30
CA ALA C 3 -36.94 12.09 -0.84
C ALA C 3 -35.73 11.80 -1.73
N GLU C 4 -34.89 12.81 -1.92
CA GLU C 4 -33.70 12.67 -2.75
C GLU C 4 -32.58 11.96 -2.02
N ILE C 5 -31.84 11.14 -2.76
CA ILE C 5 -30.73 10.40 -2.20
C ILE C 5 -29.69 10.05 -3.25
N ASN C 6 -28.42 10.17 -2.89
CA ASN C 6 -27.33 9.79 -3.77
C ASN C 6 -26.73 8.58 -3.07
N PRO C 7 -27.05 7.36 -3.55
CA PRO C 7 -26.56 6.10 -2.97
C PRO C 7 -25.03 6.01 -2.89
N LEU C 8 -24.36 6.79 -3.72
CA LEU C 8 -22.89 6.83 -3.76
C LEU C 8 -22.33 7.63 -2.60
N HIS C 9 -23.14 8.53 -2.04
CA HIS C 9 -22.71 9.33 -0.92
C HIS C 9 -23.27 8.79 0.38
N ALA C 10 -24.54 8.40 0.36
CA ALA C 10 -25.20 7.82 1.53
C ALA C 10 -24.93 6.31 1.49
N TYR C 11 -23.66 5.94 1.61
CA TYR C 11 -23.22 4.55 1.57
C TYR C 11 -23.83 3.67 2.67
N PHE C 12 -24.21 4.31 3.76
CA PHE C 12 -24.81 3.67 4.93
C PHE C 12 -26.30 3.39 4.76
N LYS C 13 -26.89 3.89 3.67
CA LYS C 13 -28.31 3.68 3.43
C LYS C 13 -28.49 2.81 2.18
N LEU C 14 -28.66 1.52 2.42
CA LEU C 14 -28.84 0.55 1.36
C LEU C 14 -30.27 0.46 0.85
N PRO C 15 -30.43 0.28 -0.47
CA PRO C 15 -31.76 0.17 -1.07
C PRO C 15 -32.46 -1.01 -0.41
N ASN C 16 -33.77 -0.92 -0.23
CA ASN C 16 -34.53 -1.99 0.40
C ASN C 16 -35.63 -2.57 -0.49
N THR C 17 -35.63 -2.18 -1.76
CA THR C 17 -36.57 -2.73 -2.72
C THR C 17 -35.84 -3.00 -4.03
N VAL C 18 -36.41 -3.89 -4.82
CA VAL C 18 -35.87 -4.24 -6.12
C VAL C 18 -37.06 -4.40 -7.04
N SER C 19 -36.93 -3.86 -8.24
CA SER C 19 -38.01 -3.93 -9.22
C SER C 19 -37.47 -4.40 -10.55
N LEU C 20 -38.13 -5.40 -11.12
CA LEU C 20 -37.72 -5.94 -12.39
C LEU C 20 -38.46 -5.22 -13.50
N VAL C 21 -37.69 -4.66 -14.42
CA VAL C 21 -38.27 -3.96 -15.56
C VAL C 21 -37.55 -4.44 -16.81
N ALA C 22 -38.21 -4.28 -17.94
CA ALA C 22 -37.64 -4.69 -19.21
C ALA C 22 -38.33 -3.88 -20.28
N GLY C 23 -37.63 -3.66 -21.39
CA GLY C 23 -38.21 -2.90 -22.48
C GLY C 23 -37.31 -2.97 -23.70
N SER C 24 -37.82 -2.49 -24.82
CA SER C 24 -37.06 -2.51 -26.04
C SER C 24 -37.48 -1.31 -26.86
N SER C 25 -36.66 -0.97 -27.85
CA SER C 25 -36.96 0.16 -28.69
C SER C 25 -36.00 0.29 -29.85
N GLU C 26 -36.51 0.87 -30.92
CA GLU C 26 -35.72 1.16 -32.10
C GLU C 26 -35.10 2.52 -31.77
N GLY C 27 -34.07 2.90 -32.52
CA GLY C 27 -33.44 4.18 -32.29
C GLY C 27 -32.58 4.58 -33.46
N GLU C 28 -32.34 5.89 -33.59
CA GLU C 28 -31.51 6.38 -34.69
C GLU C 28 -30.02 6.12 -34.45
N THR C 29 -29.66 5.86 -33.21
CA THR C 29 -28.27 5.56 -32.82
C THR C 29 -28.35 4.53 -31.70
N PRO C 30 -27.23 3.88 -31.39
CA PRO C 30 -27.25 2.88 -30.32
C PRO C 30 -27.70 3.50 -28.99
N LEU C 31 -27.21 4.70 -28.67
CA LEU C 31 -27.59 5.34 -27.42
C LEU C 31 -29.05 5.80 -27.42
N ASN C 32 -29.55 6.24 -28.57
CA ASN C 32 -30.96 6.64 -28.65
C ASN C 32 -31.85 5.41 -28.50
N ALA C 33 -31.40 4.28 -29.04
CA ALA C 33 -32.16 3.02 -28.92
C ALA C 33 -32.13 2.59 -27.45
N PHE C 34 -30.95 2.70 -26.84
CA PHE C 34 -30.80 2.35 -25.43
C PHE C 34 -31.75 3.22 -24.60
N ASP C 35 -31.70 4.53 -24.87
CA ASP C 35 -32.54 5.52 -24.20
C ASP C 35 -34.01 5.15 -24.37
N GLY C 36 -34.39 4.82 -25.61
CA GLY C 36 -35.76 4.43 -25.89
C GLY C 36 -36.18 3.19 -25.12
N ALA C 37 -35.26 2.26 -24.92
CA ALA C 37 -35.55 1.03 -24.20
C ALA C 37 -35.81 1.31 -22.71
N LEU C 38 -35.02 2.22 -22.13
CA LEU C 38 -35.18 2.58 -20.72
C LEU C 38 -36.58 3.17 -20.52
N LEU C 39 -36.97 4.06 -21.44
CA LEU C 39 -38.27 4.69 -21.42
C LEU C 39 -39.37 3.64 -21.55
N ASN C 40 -39.17 2.70 -22.46
CA ASN C 40 -40.14 1.64 -22.67
C ASN C 40 -40.21 0.75 -21.42
N ALA C 41 -39.08 0.62 -20.73
CA ALA C 41 -39.01 -0.19 -19.52
C ALA C 41 -39.60 0.56 -18.32
N GLY C 42 -39.81 1.86 -18.49
CA GLY C 42 -40.37 2.67 -17.43
C GLY C 42 -39.33 3.31 -16.53
N ILE C 43 -38.07 3.22 -16.93
N ILE C 43 -38.05 3.22 -16.90
CA ILE C 43 -36.97 3.77 -16.15
CA ILE C 43 -36.97 3.82 -16.10
C ILE C 43 -36.11 4.69 -17.03
C ILE C 43 -36.12 4.76 -16.98
N GLY C 44 -36.76 5.39 -17.94
CA GLY C 44 -36.06 6.28 -18.86
C GLY C 44 -35.61 7.69 -18.51
N ASN C 45 -36.06 8.21 -17.38
CA ASN C 45 -35.66 9.57 -17.01
C ASN C 45 -34.90 9.65 -15.70
N VAL C 46 -34.08 8.63 -15.45
CA VAL C 46 -33.28 8.56 -14.23
C VAL C 46 -31.84 8.22 -14.58
N ASN C 47 -30.93 8.46 -13.65
CA ASN C 47 -29.54 8.13 -13.83
C ASN C 47 -29.30 6.71 -13.35
N LEU C 48 -28.97 5.80 -14.26
CA LEU C 48 -28.71 4.42 -13.89
C LEU C 48 -27.25 4.24 -13.48
N ILE C 49 -27.05 3.79 -12.25
CA ILE C 49 -25.71 3.51 -11.75
C ILE C 49 -25.62 1.99 -11.80
N ARG C 50 -24.83 1.47 -12.73
CA ARG C 50 -24.71 0.03 -12.86
C ARG C 50 -24.05 -0.65 -11.66
N ILE C 51 -24.72 -1.68 -11.14
CA ILE C 51 -24.20 -2.45 -10.02
C ILE C 51 -23.83 -3.83 -10.56
N SER C 52 -23.04 -4.58 -9.79
CA SER C 52 -22.59 -5.91 -10.18
C SER C 52 -23.71 -6.95 -10.08
N ALA C 53 -24.70 -6.66 -9.23
CA ALA C 53 -25.89 -7.47 -9.02
C ALA C 53 -26.13 -8.29 -7.75
N ILE C 54 -26.34 -7.58 -6.65
CA ILE C 54 -26.64 -8.21 -5.38
C ILE C 54 -27.85 -7.48 -4.82
N MET C 55 -28.88 -8.24 -4.44
CA MET C 55 -30.07 -7.64 -3.86
C MET C 55 -29.81 -7.62 -2.36
N PRO C 56 -29.83 -6.43 -1.74
CA PRO C 56 -29.60 -6.31 -0.29
C PRO C 56 -30.56 -7.22 0.49
N PRO C 57 -30.08 -7.81 1.59
CA PRO C 57 -30.91 -8.69 2.41
C PRO C 57 -32.18 -7.96 2.85
N GLU C 58 -33.28 -8.70 2.96
CA GLU C 58 -34.56 -8.15 3.38
C GLU C 58 -35.24 -7.26 2.34
N ALA C 59 -34.58 -7.02 1.21
CA ALA C 59 -35.17 -6.18 0.18
C ALA C 59 -36.41 -6.86 -0.39
N GLU C 60 -37.44 -6.06 -0.64
CA GLU C 60 -38.70 -6.57 -1.18
C GLU C 60 -38.80 -6.32 -2.67
N ILE C 61 -39.33 -7.30 -3.38
CA ILE C 61 -39.55 -7.21 -4.82
C ILE C 61 -40.86 -6.43 -4.94
N VAL C 62 -40.80 -5.26 -5.57
CA VAL C 62 -41.99 -4.43 -5.73
C VAL C 62 -42.10 -3.91 -7.15
N PRO C 63 -43.32 -3.56 -7.58
CA PRO C 63 -43.47 -3.03 -8.94
C PRO C 63 -42.68 -1.73 -8.93
N LEU C 64 -42.03 -1.38 -10.04
CA LEU C 64 -41.23 -0.17 -10.09
C LEU C 64 -42.03 1.04 -9.64
N PRO C 65 -41.56 1.73 -8.60
CA PRO C 65 -42.23 2.91 -8.05
C PRO C 65 -42.01 4.09 -8.97
N LYS C 66 -42.71 5.18 -8.70
CA LYS C 66 -42.54 6.40 -9.48
C LYS C 66 -41.20 6.96 -9.03
N LEU C 67 -40.24 6.97 -9.95
CA LEU C 67 -38.91 7.48 -9.64
C LEU C 67 -38.81 8.94 -10.04
N PRO C 68 -38.26 9.78 -9.14
CA PRO C 68 -38.12 11.21 -9.46
C PRO C 68 -37.12 11.32 -10.61
N MET C 69 -37.38 12.23 -11.55
CA MET C 69 -36.48 12.39 -12.67
C MET C 69 -35.07 12.75 -12.22
N GLY C 70 -34.07 12.15 -12.86
CA GLY C 70 -32.69 12.41 -12.50
C GLY C 70 -32.19 11.60 -11.32
N ALA C 71 -33.07 10.79 -10.73
CA ALA C 71 -32.68 9.98 -9.59
C ALA C 71 -31.49 9.09 -9.90
N LEU C 72 -30.62 8.90 -8.92
CA LEU C 72 -29.45 8.03 -9.08
C LEU C 72 -29.92 6.67 -8.60
N VAL C 73 -30.19 5.80 -9.58
CA VAL C 73 -30.72 4.47 -9.30
C VAL C 73 -29.74 3.32 -9.47
N PRO C 74 -29.36 2.67 -8.36
CA PRO C 74 -28.42 1.55 -8.44
C PRO C 74 -29.20 0.50 -9.21
N THR C 75 -28.66 0.09 -10.35
CA THR C 75 -29.38 -0.84 -11.20
C THR C 75 -28.53 -1.91 -11.83
N ALA C 76 -28.98 -3.16 -11.69
CA ALA C 76 -28.30 -4.29 -12.30
C ALA C 76 -29.03 -4.43 -13.62
N TYR C 77 -28.29 -4.44 -14.72
CA TYR C 77 -28.96 -4.56 -15.99
C TYR C 77 -28.14 -5.21 -17.08
N GLY C 78 -28.86 -5.67 -18.09
CA GLY C 78 -28.24 -6.29 -19.24
C GLY C 78 -28.96 -5.71 -20.43
N TYR C 79 -28.24 -5.50 -21.51
CA TYR C 79 -28.87 -4.97 -22.70
C TYR C 79 -28.06 -5.44 -23.89
N ILE C 80 -28.70 -5.38 -25.05
CA ILE C 80 -28.06 -5.78 -26.28
C ILE C 80 -28.63 -4.88 -27.37
N ILE C 81 -27.74 -4.37 -28.21
CA ILE C 81 -28.13 -3.51 -29.29
C ILE C 81 -27.70 -4.18 -30.58
N SER C 82 -28.56 -4.11 -31.59
CA SER C 82 -28.27 -4.72 -32.88
C SER C 82 -28.83 -3.87 -34.01
N ASP C 83 -28.05 -3.77 -35.08
CA ASP C 83 -28.43 -3.01 -36.27
C ASP C 83 -28.63 -3.95 -37.46
N VAL C 84 -28.97 -5.20 -37.16
CA VAL C 84 -29.21 -6.23 -38.17
C VAL C 84 -30.72 -6.45 -38.28
N PRO C 85 -31.33 -6.06 -39.40
CA PRO C 85 -32.77 -6.22 -39.63
C PRO C 85 -33.24 -7.66 -39.47
N GLY C 86 -34.37 -7.84 -38.80
CA GLY C 86 -34.91 -9.17 -38.59
C GLY C 86 -34.28 -9.92 -37.43
N GLU C 87 -33.11 -9.49 -36.99
CA GLU C 87 -32.41 -10.12 -35.88
C GLU C 87 -33.23 -10.01 -34.60
N THR C 88 -33.45 -11.14 -33.94
CA THR C 88 -34.20 -11.15 -32.70
C THR C 88 -33.22 -11.09 -31.54
N ILE C 89 -33.34 -10.04 -30.73
CA ILE C 89 -32.46 -9.86 -29.59
C ILE C 89 -33.28 -9.86 -28.31
N SER C 90 -32.68 -10.38 -27.24
CA SER C 90 -33.37 -10.46 -25.97
C SER C 90 -32.48 -10.09 -24.81
N ALA C 91 -33.13 -9.68 -23.73
CA ALA C 91 -32.46 -9.31 -22.50
C ALA C 91 -33.33 -9.85 -21.39
N ALA C 92 -32.71 -10.31 -20.31
CA ALA C 92 -33.44 -10.89 -19.19
C ALA C 92 -32.72 -10.62 -17.88
N ILE C 93 -33.49 -10.59 -16.80
CA ILE C 93 -32.97 -10.36 -15.46
C ILE C 93 -33.64 -11.36 -14.54
N SER C 94 -32.89 -11.84 -13.55
CA SER C 94 -33.41 -12.77 -12.57
C SER C 94 -32.89 -12.34 -11.22
N VAL C 95 -33.69 -12.58 -10.18
CA VAL C 95 -33.31 -12.25 -8.82
C VAL C 95 -33.57 -13.50 -7.99
N ALA C 96 -32.49 -14.16 -7.58
CA ALA C 96 -32.60 -15.36 -6.75
C ALA C 96 -32.77 -14.87 -5.32
N ILE C 97 -33.88 -15.27 -4.70
CA ILE C 97 -34.21 -14.88 -3.34
C ILE C 97 -33.91 -16.02 -2.38
N PRO C 98 -33.17 -15.74 -1.29
CA PRO C 98 -32.81 -16.78 -0.32
C PRO C 98 -33.93 -17.08 0.67
N LYS C 99 -33.92 -18.30 1.21
CA LYS C 99 -34.91 -18.67 2.21
C LYS C 99 -34.55 -17.90 3.47
N ASP C 100 -33.25 -17.83 3.75
CA ASP C 100 -32.74 -17.10 4.91
C ASP C 100 -32.73 -15.63 4.52
N LYS C 101 -33.67 -14.86 5.05
CA LYS C 101 -33.78 -13.44 4.71
C LYS C 101 -32.60 -12.57 5.13
N SER C 102 -31.74 -13.08 6.02
CA SER C 102 -30.58 -12.29 6.44
C SER C 102 -29.53 -12.34 5.32
N LEU C 103 -29.74 -13.22 4.35
CA LEU C 103 -28.83 -13.36 3.21
C LEU C 103 -29.27 -12.46 2.06
N CYS C 104 -28.33 -12.16 1.18
CA CYS C 104 -28.63 -11.32 0.04
C CYS C 104 -29.25 -12.13 -1.09
N GLY C 105 -29.85 -11.42 -2.04
CA GLY C 105 -30.42 -12.07 -3.19
C GLY C 105 -29.37 -11.91 -4.28
N LEU C 106 -29.41 -12.77 -5.30
CA LEU C 106 -28.45 -12.66 -6.38
C LEU C 106 -29.17 -12.20 -7.64
N ILE C 107 -28.60 -11.22 -8.32
CA ILE C 107 -29.22 -10.70 -9.53
C ILE C 107 -28.36 -11.10 -10.72
N MET C 108 -28.98 -11.78 -11.67
CA MET C 108 -28.25 -12.20 -12.86
C MET C 108 -28.86 -11.51 -14.07
N GLU C 109 -28.02 -11.19 -15.04
CA GLU C 109 -28.50 -10.55 -16.26
C GLU C 109 -27.98 -11.35 -17.44
N TYR C 110 -28.76 -11.36 -18.51
CA TYR C 110 -28.38 -12.07 -19.71
C TYR C 110 -29.03 -11.42 -20.92
N GLU C 111 -28.27 -11.33 -22.00
CA GLU C 111 -28.75 -10.77 -23.23
C GLU C 111 -28.12 -11.57 -24.33
N GLY C 112 -28.80 -11.65 -25.47
CA GLY C 112 -28.27 -12.38 -26.59
C GLY C 112 -29.22 -12.41 -27.76
N LYS C 113 -28.74 -12.97 -28.85
CA LYS C 113 -29.53 -13.11 -30.07
C LYS C 113 -30.30 -14.42 -29.89
N CYS C 114 -31.43 -14.31 -29.21
CA CYS C 114 -32.29 -15.44 -28.93
C CYS C 114 -33.67 -14.94 -28.56
N SER C 115 -34.58 -15.86 -28.29
CA SER C 115 -35.94 -15.52 -27.92
C SER C 115 -36.05 -15.07 -26.46
N LYS C 116 -37.18 -14.47 -26.13
CA LYS C 116 -37.48 -14.01 -24.78
C LYS C 116 -37.51 -15.21 -23.82
N LYS C 117 -38.09 -16.31 -24.28
CA LYS C 117 -38.19 -17.53 -23.48
C LYS C 117 -36.82 -18.10 -23.12
N GLU C 118 -35.94 -18.18 -24.11
CA GLU C 118 -34.60 -18.72 -23.90
C GLU C 118 -33.78 -17.81 -22.99
N ALA C 119 -33.87 -16.51 -23.21
CA ALA C 119 -33.15 -15.54 -22.38
C ALA C 119 -33.56 -15.71 -20.92
N GLU C 120 -34.87 -15.75 -20.67
CA GLU C 120 -35.37 -15.91 -19.31
C GLU C 120 -34.95 -17.25 -18.69
N LYS C 121 -35.00 -18.33 -19.47
CA LYS C 121 -34.58 -19.65 -18.98
C LYS C 121 -33.12 -19.60 -18.55
N THR C 122 -32.28 -19.03 -19.42
CA THR C 122 -30.85 -18.90 -19.18
C THR C 122 -30.53 -18.07 -17.94
N VAL C 123 -31.16 -16.91 -17.83
CA VAL C 123 -30.91 -16.03 -16.69
C VAL C 123 -31.40 -16.66 -15.39
N ARG C 124 -32.46 -17.46 -15.47
CA ARG C 124 -32.97 -18.13 -14.27
C ARG C 124 -32.01 -19.21 -13.83
N GLU C 125 -31.40 -19.89 -14.80
CA GLU C 125 -30.44 -20.94 -14.49
C GLU C 125 -29.20 -20.31 -13.85
N MET C 126 -28.80 -19.15 -14.38
CA MET C 126 -27.64 -18.44 -13.86
C MET C 126 -27.84 -18.10 -12.39
N ALA C 127 -29.04 -17.64 -12.03
CA ALA C 127 -29.35 -17.30 -10.64
C ALA C 127 -29.27 -18.55 -9.75
N LYS C 128 -29.79 -19.66 -10.27
CA LYS C 128 -29.77 -20.92 -9.54
C LYS C 128 -28.32 -21.35 -9.29
N ILE C 129 -27.48 -21.20 -10.31
CA ILE C 129 -26.07 -21.55 -10.22
C ILE C 129 -25.36 -20.70 -9.16
N GLY C 130 -25.70 -19.41 -9.11
CA GLY C 130 -25.10 -18.52 -8.14
C GLY C 130 -25.38 -18.98 -6.72
N PHE C 131 -26.59 -19.46 -6.47
CA PHE C 131 -26.94 -19.94 -5.14
C PHE C 131 -26.27 -21.28 -4.84
N GLU C 132 -26.07 -22.08 -5.88
CA GLU C 132 -25.43 -23.38 -5.71
C GLU C 132 -23.94 -23.21 -5.44
N MET C 133 -23.34 -22.18 -6.02
CA MET C 133 -21.93 -21.90 -5.78
C MET C 133 -21.73 -21.48 -4.33
N ARG C 134 -22.73 -20.81 -3.77
CA ARG C 134 -22.67 -20.35 -2.38
C ARG C 134 -23.16 -21.43 -1.41
N GLY C 135 -23.95 -22.36 -1.93
CA GLY C 135 -24.49 -23.42 -1.08
C GLY C 135 -25.60 -22.88 -0.20
N TRP C 136 -26.27 -21.82 -0.68
CA TRP C 136 -27.37 -21.20 0.05
C TRP C 136 -28.71 -21.77 -0.39
N GLU C 137 -29.68 -21.75 0.52
CA GLU C 137 -31.02 -22.24 0.22
C GLU C 137 -31.76 -21.20 -0.61
N LEU C 138 -32.17 -21.62 -1.80
CA LEU C 138 -32.89 -20.74 -2.70
C LEU C 138 -34.39 -20.82 -2.42
N ASP C 139 -35.02 -19.68 -2.20
CA ASP C 139 -36.45 -19.66 -1.96
C ASP C 139 -37.15 -19.72 -3.30
N ARG C 140 -36.79 -18.80 -4.19
CA ARG C 140 -37.38 -18.73 -5.51
C ARG C 140 -36.61 -17.77 -6.40
N ILE C 141 -36.97 -17.73 -7.66
CA ILE C 141 -36.31 -16.83 -8.61
C ILE C 141 -37.39 -16.02 -9.31
N GLU C 142 -37.28 -14.70 -9.20
CA GLU C 142 -38.21 -13.78 -9.86
C GLU C 142 -37.45 -13.36 -11.11
N SER C 143 -38.10 -13.41 -12.27
CA SER C 143 -37.44 -13.04 -13.50
C SER C 143 -38.34 -12.28 -14.47
N ILE C 144 -37.71 -11.66 -15.44
CA ILE C 144 -38.41 -10.93 -16.47
C ILE C 144 -37.52 -10.93 -17.70
N ALA C 145 -38.13 -10.86 -18.87
CA ALA C 145 -37.39 -10.84 -20.11
C ALA C 145 -38.18 -10.07 -21.13
N VAL C 146 -37.50 -9.69 -22.20
CA VAL C 146 -38.11 -8.95 -23.28
C VAL C 146 -37.33 -9.28 -24.54
N GLU C 147 -38.03 -9.34 -25.67
CA GLU C 147 -37.36 -9.60 -26.92
C GLU C 147 -37.77 -8.53 -27.90
N HIS C 148 -36.83 -8.16 -28.77
CA HIS C 148 -37.07 -7.14 -29.77
C HIS C 148 -36.60 -7.66 -31.11
N THR C 149 -37.43 -7.48 -32.13
CA THR C 149 -37.07 -7.90 -33.47
C THR C 149 -36.63 -6.60 -34.14
N VAL C 150 -35.33 -6.51 -34.39
CA VAL C 150 -34.73 -5.32 -35.00
C VAL C 150 -35.31 -4.97 -36.36
N GLU C 151 -35.71 -3.71 -36.52
CA GLU C 151 -36.23 -3.21 -37.78
C GLU C 151 -35.05 -2.57 -38.49
N LYS C 152 -34.36 -1.68 -37.78
CA LYS C 152 -33.19 -1.01 -38.33
C LYS C 152 -32.08 -1.02 -37.28
N LEU C 153 -32.42 -0.60 -36.07
CA LEU C 153 -31.47 -0.55 -34.97
C LEU C 153 -32.30 -0.60 -33.70
N GLY C 154 -32.18 -1.71 -32.98
CA GLY C 154 -32.97 -1.87 -31.76
C GLY C 154 -32.16 -2.26 -30.55
N CYS C 155 -32.77 -2.10 -29.39
CA CYS C 155 -32.14 -2.43 -28.13
C CYS C 155 -33.10 -3.15 -27.22
N ALA C 156 -32.66 -4.26 -26.64
CA ALA C 156 -33.46 -5.03 -25.70
C ALA C 156 -32.79 -4.75 -24.36
N PHE C 157 -33.57 -4.39 -23.36
CA PHE C 157 -33.02 -4.04 -22.06
C PHE C 157 -33.82 -4.67 -20.91
N ALA C 158 -33.11 -5.20 -19.91
CA ALA C 158 -33.76 -5.80 -18.75
C ALA C 158 -32.97 -5.36 -17.53
N ALA C 159 -33.69 -5.00 -16.47
CA ALA C 159 -33.04 -4.51 -15.27
C ALA C 159 -33.73 -4.83 -13.95
N ALA C 160 -32.94 -4.77 -12.88
CA ALA C 160 -33.41 -4.97 -11.52
C ALA C 160 -32.97 -3.66 -10.89
N ALA C 161 -33.91 -2.73 -10.74
CA ALA C 161 -33.62 -1.44 -10.16
C ALA C 161 -33.77 -1.46 -8.65
N LEU C 162 -32.70 -1.13 -7.95
CA LEU C 162 -32.73 -1.10 -6.49
C LEU C 162 -33.23 0.29 -6.07
N TRP C 163 -34.20 0.31 -5.16
CA TRP C 163 -34.72 1.59 -4.72
C TRP C 163 -35.03 1.57 -3.23
N TYR C 164 -35.81 2.55 -2.77
CA TYR C 164 -36.12 2.67 -1.36
C TYR C 164 -37.62 2.74 -1.09
N LYS C 165 -38.00 2.27 0.09
CA LYS C 165 -39.38 2.25 0.55
C LYS C 165 -39.39 2.56 2.05
N PHE D 12 29.89 -7.83 -6.56
CA PHE D 12 29.68 -6.94 -5.38
C PHE D 12 29.25 -5.54 -5.81
N LYS D 13 28.50 -4.87 -4.93
CA LYS D 13 28.02 -3.51 -5.18
C LYS D 13 27.31 -2.89 -3.98
N LEU D 14 27.37 -1.57 -3.91
CA LEU D 14 26.71 -0.82 -2.84
C LEU D 14 25.31 -0.48 -3.30
N PRO D 15 24.39 -0.19 -2.36
CA PRO D 15 23.02 0.16 -2.77
C PRO D 15 23.07 1.36 -3.72
N ASN D 16 22.27 1.34 -4.78
CA ASN D 16 22.26 2.47 -5.71
C ASN D 16 20.92 3.20 -5.79
N THR D 17 20.02 2.89 -4.86
CA THR D 17 18.74 3.58 -4.79
C THR D 17 18.41 3.89 -3.34
N VAL D 18 17.74 5.01 -3.15
N VAL D 18 17.75 5.01 -3.13
CA VAL D 18 17.31 5.47 -1.83
CA VAL D 18 17.32 5.42 -1.79
C VAL D 18 15.85 5.85 -1.97
C VAL D 18 15.88 5.87 -1.93
N SER D 19 15.04 5.39 -1.04
CA SER D 19 13.62 5.72 -1.08
C SER D 19 13.19 6.26 0.27
N LEU D 20 12.64 7.47 0.26
N LEU D 20 12.66 7.47 0.26
CA LEU D 20 12.17 8.12 1.46
CA LEU D 20 12.19 8.11 1.49
C LEU D 20 10.73 7.68 1.73
C LEU D 20 10.75 7.70 1.72
N VAL D 21 10.50 7.10 2.89
CA VAL D 21 9.17 6.66 3.26
C VAL D 21 8.89 7.11 4.68
N ALA D 22 7.62 7.22 5.02
CA ALA D 22 7.22 7.63 6.36
C ALA D 22 5.82 7.13 6.59
N GLY D 23 5.47 6.97 7.86
CA GLY D 23 4.16 6.48 8.21
C GLY D 23 4.00 6.49 9.70
N SER D 24 2.75 6.33 10.14
CA SER D 24 2.45 6.31 11.55
C SER D 24 1.33 5.31 11.77
N SER D 25 1.11 4.95 13.03
CA SER D 25 0.06 4.01 13.35
C SER D 25 -0.13 3.91 14.85
N GLU D 26 -1.33 3.50 15.23
CA GLU D 26 -1.64 3.29 16.63
C GLU D 26 -1.21 1.83 16.84
N GLY D 27 -1.24 1.37 18.07
CA GLY D 27 -0.87 -0.01 18.33
C GLY D 27 -1.11 -0.36 19.78
N GLU D 28 -1.45 -1.62 20.04
CA GLU D 28 -1.71 -2.07 21.41
C GLU D 28 -0.44 -2.13 22.26
N THR D 29 0.70 -2.22 21.60
CA THR D 29 2.01 -2.25 22.26
C THR D 29 2.95 -1.38 21.44
N PRO D 30 4.06 -0.90 22.03
CA PRO D 30 5.01 -0.07 21.30
C PRO D 30 5.49 -0.75 20.02
N LEU D 31 5.82 -2.03 20.11
CA LEU D 31 6.30 -2.77 18.94
C LEU D 31 5.21 -2.93 17.87
N ASN D 32 3.97 -3.11 18.31
CA ASN D 32 2.86 -3.24 17.36
C ASN D 32 2.60 -1.91 16.66
N ALA D 33 2.77 -0.80 17.38
CA ALA D 33 2.59 0.52 16.78
C ALA D 33 3.70 0.76 15.76
N PHE D 34 4.92 0.36 16.13
CA PHE D 34 6.09 0.49 15.27
C PHE D 34 5.84 -0.32 13.98
N ASP D 35 5.41 -1.57 14.16
CA ASP D 35 5.11 -2.45 13.04
C ASP D 35 4.03 -1.79 12.18
N GLY D 36 3.01 -1.24 12.83
CA GLY D 36 1.95 -0.57 12.10
C GLY D 36 2.49 0.64 11.35
N ALA D 37 3.41 1.38 11.97
CA ALA D 37 4.00 2.55 11.32
C ALA D 37 4.77 2.13 10.07
N LEU D 38 5.48 1.01 10.17
N LEU D 38 5.50 1.02 10.16
CA LEU D 38 6.27 0.48 9.06
CA LEU D 38 6.27 0.52 9.02
C LEU D 38 5.33 0.12 7.90
C LEU D 38 5.33 0.13 7.89
N LEU D 39 4.22 -0.52 8.25
CA LEU D 39 3.22 -0.93 7.27
C LEU D 39 2.61 0.30 6.59
N ASN D 40 2.30 1.31 7.41
CA ASN D 40 1.73 2.55 6.91
C ASN D 40 2.71 3.27 5.99
N ALA D 41 4.01 3.06 6.23
CA ALA D 41 5.07 3.68 5.44
C ALA D 41 5.31 2.90 4.15
N GLY D 42 4.90 1.63 4.14
CA GLY D 42 5.11 0.81 2.96
C GLY D 42 6.23 -0.19 3.04
N ILE D 43 6.91 -0.26 4.18
CA ILE D 43 8.01 -1.21 4.37
C ILE D 43 7.78 -2.11 5.59
N GLY D 44 6.53 -2.45 5.85
CA GLY D 44 6.20 -3.29 6.99
C GLY D 44 6.51 -4.76 6.81
N ASN D 45 6.76 -5.19 5.57
CA ASN D 45 7.02 -6.61 5.34
C ASN D 45 8.41 -6.98 4.89
N VAL D 46 9.38 -6.14 5.25
CA VAL D 46 10.79 -6.38 4.94
C VAL D 46 11.60 -6.22 6.21
N ASN D 47 12.80 -6.76 6.22
CA ASN D 47 13.65 -6.65 7.40
C ASN D 47 14.52 -5.41 7.33
N LEU D 48 14.31 -4.49 8.26
CA LEU D 48 15.08 -3.27 8.29
C LEU D 48 16.40 -3.51 9.02
N ILE D 49 17.50 -3.31 8.29
CA ILE D 49 18.84 -3.42 8.84
C ILE D 49 19.23 -1.97 9.02
N ARG D 50 19.26 -1.49 10.26
CA ARG D 50 19.57 -0.10 10.52
C ARG D 50 20.98 0.33 10.16
N ILE D 51 21.07 1.43 9.41
CA ILE D 51 22.35 1.97 8.98
C ILE D 51 22.47 3.38 9.58
N SER D 52 23.68 3.92 9.57
CA SER D 52 23.92 5.23 10.14
C SER D 52 23.37 6.45 9.40
N ALA D 53 23.94 6.80 8.25
CA ALA D 53 23.45 8.00 7.56
C ALA D 53 24.01 8.28 6.17
N ILE D 54 24.36 7.26 5.39
CA ILE D 54 24.98 7.56 4.10
C ILE D 54 24.35 6.98 2.83
N MET D 55 24.10 7.87 1.87
CA MET D 55 23.57 7.47 0.59
C MET D 55 24.82 7.31 -0.28
N PRO D 56 25.08 6.09 -0.78
CA PRO D 56 26.26 5.86 -1.62
C PRO D 56 26.32 6.84 -2.78
N PRO D 57 27.52 7.24 -3.19
CA PRO D 57 27.70 8.18 -4.30
C PRO D 57 26.96 7.67 -5.53
N GLU D 58 26.38 8.59 -6.29
CA GLU D 58 25.65 8.24 -7.51
C GLU D 58 24.40 7.38 -7.28
N ALA D 59 24.00 7.19 -6.03
CA ALA D 59 22.79 6.45 -5.75
C ALA D 59 21.68 7.43 -6.16
N GLU D 60 20.53 6.91 -6.52
CA GLU D 60 19.44 7.76 -6.95
C GLU D 60 18.24 7.70 -6.00
N ILE D 61 17.62 8.84 -5.75
CA ILE D 61 16.43 8.88 -4.91
C ILE D 61 15.32 8.42 -5.84
N VAL D 62 14.64 7.34 -5.48
CA VAL D 62 13.58 6.78 -6.31
C VAL D 62 12.38 6.37 -5.48
N PRO D 63 11.22 6.22 -6.13
CA PRO D 63 10.03 5.81 -5.39
C PRO D 63 10.35 4.42 -4.82
N LEU D 64 9.74 4.05 -3.71
CA LEU D 64 10.01 2.74 -3.10
C LEU D 64 9.84 1.63 -4.13
N PRO D 65 10.87 0.79 -4.33
CA PRO D 65 10.78 -0.31 -5.30
C PRO D 65 9.92 -1.42 -4.72
N LYS D 66 9.58 -2.41 -5.54
CA LYS D 66 8.81 -3.53 -5.06
C LYS D 66 9.80 -4.44 -4.34
N LEU D 67 9.78 -4.41 -3.01
CA LEU D 67 10.69 -5.21 -2.21
C LEU D 67 10.15 -6.59 -1.89
N PRO D 68 10.98 -7.62 -2.06
CA PRO D 68 10.54 -8.99 -1.77
C PRO D 68 10.32 -9.05 -0.26
N MET D 69 9.23 -9.68 0.18
CA MET D 69 8.97 -9.75 1.62
C MET D 69 10.13 -10.47 2.29
N GLY D 70 10.54 -9.96 3.44
CA GLY D 70 11.64 -10.56 4.18
C GLY D 70 13.01 -10.02 3.79
N ALA D 71 13.08 -9.22 2.73
CA ALA D 71 14.35 -8.65 2.28
C ALA D 71 15.08 -7.91 3.38
N LEU D 72 16.41 -8.06 3.40
CA LEU D 72 17.24 -7.39 4.39
C LEU D 72 17.58 -6.04 3.79
N VAL D 73 16.76 -5.05 4.12
CA VAL D 73 16.90 -3.70 3.57
C VAL D 73 17.69 -2.75 4.46
N PRO D 74 18.84 -2.25 3.97
CA PRO D 74 19.65 -1.33 4.76
C PRO D 74 18.80 -0.07 4.80
N THR D 75 18.43 0.35 6.01
CA THR D 75 17.55 1.50 6.17
C THR D 75 17.99 2.44 7.27
N ALA D 76 18.05 3.73 6.93
CA ALA D 76 18.38 4.74 7.91
C ALA D 76 16.98 5.15 8.36
N TYR D 77 16.72 5.13 9.66
CA TYR D 77 15.39 5.51 10.11
C TYR D 77 15.33 6.11 11.49
N GLY D 78 14.20 6.75 11.76
CA GLY D 78 13.97 7.38 13.04
C GLY D 78 12.51 7.15 13.35
N TYR D 79 12.18 6.99 14.62
CA TYR D 79 10.80 6.77 15.01
C TYR D 79 10.59 7.28 16.42
N ILE D 80 9.34 7.59 16.71
CA ILE D 80 8.96 8.06 18.03
C ILE D 80 7.66 7.38 18.39
N ILE D 81 7.61 6.87 19.61
CA ILE D 81 6.41 6.20 20.11
C ILE D 81 5.95 6.97 21.34
N SER D 82 4.64 7.16 21.45
CA SER D 82 4.07 7.88 22.59
C SER D 82 2.73 7.29 22.99
N ASP D 83 2.51 7.18 24.30
CA ASP D 83 1.25 6.68 24.82
C ASP D 83 0.45 7.80 25.47
N VAL D 84 0.86 9.04 25.20
CA VAL D 84 0.20 10.23 25.73
C VAL D 84 -0.95 10.61 24.81
N PRO D 85 -2.21 10.39 25.27
CA PRO D 85 -3.39 10.71 24.47
C PRO D 85 -3.41 12.17 24.03
N GLY D 86 -3.62 12.37 22.73
CA GLY D 86 -3.68 13.72 22.17
C GLY D 86 -2.36 14.32 21.76
N GLU D 87 -1.25 13.78 22.25
CA GLU D 87 0.07 14.28 21.91
C GLU D 87 0.43 14.08 20.44
N THR D 88 0.94 15.13 19.82
CA THR D 88 1.34 15.08 18.42
C THR D 88 2.81 14.69 18.33
N ILE D 89 3.09 13.61 17.60
CA ILE D 89 4.46 13.15 17.42
C ILE D 89 4.77 13.11 15.94
N SER D 90 6.02 13.42 15.59
CA SER D 90 6.43 13.43 14.19
C SER D 90 7.77 12.77 13.97
N ALA D 91 8.00 12.37 12.73
CA ALA D 91 9.24 11.75 12.32
C ALA D 91 9.48 12.27 10.92
N ALA D 92 10.73 12.57 10.61
CA ALA D 92 11.09 13.09 9.32
C ALA D 92 12.43 12.53 8.90
N ILE D 93 12.64 12.45 7.60
CA ILE D 93 13.87 11.92 7.05
C ILE D 93 14.29 12.86 5.92
N SER D 94 15.58 13.13 5.82
CA SER D 94 16.08 14.00 4.77
C SER D 94 17.32 13.37 4.16
N VAL D 95 17.57 13.71 2.90
CA VAL D 95 18.74 13.24 2.18
C VAL D 95 19.34 14.44 1.46
N ALA D 96 20.57 14.78 1.81
CA ALA D 96 21.28 15.89 1.17
C ALA D 96 22.09 15.30 0.02
N ILE D 97 21.80 15.78 -1.20
CA ILE D 97 22.48 15.34 -2.40
C ILE D 97 23.62 16.30 -2.71
N PRO D 98 24.83 15.79 -2.89
CA PRO D 98 25.98 16.63 -3.19
C PRO D 98 25.99 17.10 -4.64
N LYS D 99 26.55 18.28 -4.85
CA LYS D 99 26.68 18.83 -6.20
C LYS D 99 27.67 17.91 -6.91
N ASP D 100 28.77 17.61 -6.22
CA ASP D 100 29.83 16.73 -6.72
C ASP D 100 29.30 15.30 -6.59
N LYS D 101 28.97 14.69 -7.72
CA LYS D 101 28.42 13.34 -7.75
C LYS D 101 29.34 12.22 -7.29
N SER D 102 30.62 12.54 -7.06
CA SER D 102 31.56 11.52 -6.59
C SER D 102 31.45 11.41 -5.07
N LEU D 103 30.78 12.38 -4.46
CA LEU D 103 30.60 12.39 -3.01
C LEU D 103 29.32 11.65 -2.64
N CYS D 104 29.16 11.34 -1.37
CA CYS D 104 27.98 10.64 -0.92
C CYS D 104 26.87 11.58 -0.46
N GLY D 105 25.66 11.04 -0.36
CA GLY D 105 24.54 11.82 0.12
C GLY D 105 24.50 11.65 1.62
N LEU D 106 23.97 12.64 2.33
CA LEU D 106 23.89 12.56 3.79
C LEU D 106 22.43 12.36 4.18
N ILE D 107 22.17 11.30 4.92
CA ILE D 107 20.81 10.99 5.37
C ILE D 107 20.67 11.37 6.83
N MET D 108 19.66 12.18 7.12
CA MET D 108 19.40 12.59 8.49
C MET D 108 17.98 12.20 8.86
N GLU D 109 17.79 11.89 10.14
CA GLU D 109 16.46 11.54 10.63
C GLU D 109 16.18 12.35 11.88
N TYR D 110 14.93 12.70 12.08
CA TYR D 110 14.52 13.47 13.25
C TYR D 110 13.12 13.09 13.67
N GLU D 111 12.91 13.06 14.97
CA GLU D 111 11.61 12.76 15.54
C GLU D 111 11.47 13.58 16.81
N GLY D 112 10.24 13.97 17.11
CA GLY D 112 10.00 14.76 18.30
C GLY D 112 8.53 15.00 18.52
N LYS D 113 8.22 15.66 19.63
CA LYS D 113 6.85 16.01 19.97
C LYS D 113 6.59 17.35 19.29
N CYS D 114 6.38 17.29 17.98
CA CYS D 114 6.14 18.49 17.18
C CYS D 114 5.33 18.15 15.94
N SER D 115 5.04 19.17 15.14
CA SER D 115 4.27 19.01 13.92
C SER D 115 5.13 18.45 12.79
N LYS D 116 4.47 18.06 11.71
CA LYS D 116 5.10 17.52 10.51
C LYS D 116 6.02 18.58 9.91
N LYS D 117 5.51 19.81 9.83
CA LYS D 117 6.27 20.93 9.28
C LYS D 117 7.56 21.23 10.05
N GLU D 118 7.48 21.25 11.38
CA GLU D 118 8.65 21.52 12.19
C GLU D 118 9.67 20.39 12.12
N ALA D 119 9.20 19.15 12.12
CA ALA D 119 10.09 18.01 12.03
C ALA D 119 10.83 18.01 10.70
N GLU D 120 10.13 18.34 9.62
CA GLU D 120 10.76 18.37 8.32
C GLU D 120 11.74 19.53 8.21
N LYS D 121 11.39 20.67 8.81
CA LYS D 121 12.27 21.84 8.78
C LYS D 121 13.58 21.46 9.48
N THR D 122 13.46 20.84 10.64
CA THR D 122 14.61 20.43 11.44
C THR D 122 15.51 19.43 10.73
N VAL D 123 14.90 18.40 10.16
CA VAL D 123 15.65 17.36 9.48
C VAL D 123 16.39 17.89 8.25
N ARG D 124 15.78 18.85 7.56
CA ARG D 124 16.41 19.45 6.38
C ARG D 124 17.63 20.24 6.84
N GLU D 125 17.47 21.00 7.91
CA GLU D 125 18.58 21.79 8.45
C GLU D 125 19.71 20.87 8.92
N MET D 126 19.35 19.73 9.52
CA MET D 126 20.35 18.77 9.98
C MET D 126 21.18 18.22 8.83
N ALA D 127 20.53 17.98 7.71
CA ALA D 127 21.22 17.48 6.53
C ALA D 127 22.18 18.55 6.02
N LYS D 128 21.71 19.80 6.03
CA LYS D 128 22.54 20.93 5.58
C LYS D 128 23.77 21.07 6.46
N ILE D 129 23.56 21.00 7.78
CA ILE D 129 24.66 21.11 8.74
C ILE D 129 25.73 20.06 8.47
N GLY D 130 25.29 18.84 8.13
CA GLY D 130 26.22 17.77 7.85
C GLY D 130 27.11 18.12 6.65
N PHE D 131 26.53 18.79 5.66
CA PHE D 131 27.30 19.19 4.48
C PHE D 131 28.26 20.31 4.81
N GLU D 132 27.83 21.21 5.70
CA GLU D 132 28.66 22.33 6.13
C GLU D 132 29.87 21.79 6.88
N MET D 133 29.63 20.80 7.75
CA MET D 133 30.69 20.18 8.53
C MET D 133 31.73 19.52 7.63
N ARG D 134 31.27 18.97 6.51
CA ARG D 134 32.17 18.33 5.55
C ARG D 134 32.73 19.35 4.56
N GLY D 135 32.07 20.50 4.47
CA GLY D 135 32.51 21.53 3.54
C GLY D 135 32.16 21.15 2.12
N TRP D 136 31.03 20.46 1.96
CA TRP D 136 30.58 20.00 0.63
C TRP D 136 29.47 20.87 0.05
N GLU D 137 29.49 21.01 -1.28
CA GLU D 137 28.47 21.79 -1.98
C GLU D 137 27.19 20.98 -2.09
N LEU D 138 26.09 21.67 -1.86
CA LEU D 138 24.77 21.06 -1.89
C LEU D 138 24.03 21.22 -3.22
N ASP D 139 23.50 20.12 -3.73
CA ASP D 139 22.70 20.15 -4.94
C ASP D 139 21.29 20.45 -4.45
N ARG D 140 20.79 19.58 -3.57
CA ARG D 140 19.47 19.75 -3.01
C ARG D 140 19.27 18.82 -1.82
N ILE D 141 18.18 19.06 -1.10
CA ILE D 141 17.82 18.25 0.04
C ILE D 141 16.41 17.77 -0.19
N GLU D 142 16.24 16.45 -0.16
CA GLU D 142 14.92 15.89 -0.32
C GLU D 142 14.54 15.37 1.04
N SER D 143 13.27 15.56 1.40
CA SER D 143 12.80 15.12 2.70
C SER D 143 11.32 14.83 2.69
N ILE D 144 10.90 14.08 3.70
CA ILE D 144 9.49 13.80 3.90
C ILE D 144 9.31 13.69 5.40
N ALA D 145 8.08 13.89 5.85
CA ALA D 145 7.79 13.85 7.26
C ALA D 145 6.38 13.35 7.45
N VAL D 146 6.09 12.90 8.66
CA VAL D 146 4.77 12.40 8.98
C VAL D 146 4.49 12.73 10.43
N GLU D 147 3.25 13.11 10.71
CA GLU D 147 2.87 13.40 12.07
C GLU D 147 1.75 12.45 12.48
N HIS D 148 1.60 12.25 13.78
CA HIS D 148 0.58 11.36 14.29
C HIS D 148 0.07 11.89 15.62
N THR D 149 -1.25 11.98 15.74
CA THR D 149 -1.86 12.45 16.98
C THR D 149 -2.25 11.19 17.73
N VAL D 150 -1.55 10.93 18.83
CA VAL D 150 -1.77 9.75 19.65
C VAL D 150 -3.19 9.67 20.20
N GLU D 151 -3.84 8.53 19.95
CA GLU D 151 -5.18 8.30 20.47
C GLU D 151 -4.98 7.55 21.77
N LYS D 152 -4.20 6.49 21.72
CA LYS D 152 -3.89 5.70 22.90
C LYS D 152 -2.41 5.37 22.93
N LEU D 153 -1.89 4.86 21.81
CA LEU D 153 -0.48 4.52 21.71
C LEU D 153 -0.11 4.61 20.24
N GLY D 154 0.65 5.64 19.88
CA GLY D 154 1.04 5.82 18.49
C GLY D 154 2.52 5.86 18.22
N CYS D 155 2.87 5.67 16.95
CA CYS D 155 4.27 5.70 16.51
C CYS D 155 4.40 6.44 15.20
N ALA D 156 5.37 7.33 15.11
CA ALA D 156 5.63 8.09 13.87
C ALA D 156 6.97 7.53 13.41
N PHE D 157 7.07 7.22 12.13
CA PHE D 157 8.28 6.62 11.59
C PHE D 157 8.65 7.24 10.25
N ALA D 158 9.95 7.47 10.05
CA ALA D 158 10.45 8.04 8.80
C ALA D 158 11.74 7.32 8.48
N ALA D 159 11.92 6.96 7.22
CA ALA D 159 13.10 6.21 6.84
C ALA D 159 13.57 6.45 5.42
N ALA D 160 14.83 6.09 5.19
CA ALA D 160 15.44 6.17 3.88
C ALA D 160 15.91 4.74 3.63
N ALA D 161 15.15 4.02 2.81
CA ALA D 161 15.48 2.64 2.47
C ALA D 161 16.41 2.57 1.28
N LEU D 162 17.57 1.93 1.48
CA LEU D 162 18.55 1.76 0.42
C LEU D 162 18.30 0.42 -0.26
N TRP D 163 18.30 0.44 -1.58
CA TRP D 163 18.09 -0.79 -2.32
C TRP D 163 18.92 -0.79 -3.60
N TYR D 164 18.64 -1.73 -4.50
CA TYR D 164 19.40 -1.87 -5.74
C TYR D 164 18.48 -1.90 -6.96
N LYS D 165 18.89 -1.22 -8.03
CA LYS D 165 18.11 -1.18 -9.27
C LYS D 165 17.96 -2.56 -9.90
N GLU E 4 30.16 -19.62 4.86
CA GLU E 4 30.27 -18.16 5.12
C GLU E 4 29.48 -17.34 4.11
N ILE E 5 28.78 -16.32 4.61
CA ILE E 5 27.97 -15.45 3.77
C ILE E 5 27.63 -14.14 4.48
N ASN E 6 27.74 -13.04 3.75
CA ASN E 6 27.41 -11.72 4.30
C ASN E 6 26.03 -11.36 3.78
N PRO E 7 25.00 -11.49 4.63
CA PRO E 7 23.61 -11.18 4.29
C PRO E 7 23.34 -9.69 3.98
N LEU E 8 24.33 -8.85 4.30
CA LEU E 8 24.23 -7.42 4.04
C LEU E 8 24.65 -7.10 2.61
N HIS E 9 25.48 -7.97 2.04
CA HIS E 9 25.97 -7.81 0.68
C HIS E 9 25.19 -8.71 -0.29
N ALA E 10 24.78 -9.88 0.21
CA ALA E 10 24.01 -10.84 -0.59
C ALA E 10 22.51 -10.55 -0.43
N TYR E 11 22.12 -9.35 -0.84
CA TYR E 11 20.72 -8.90 -0.74
C TYR E 11 19.78 -9.80 -1.53
N PHE E 12 20.28 -10.36 -2.63
CA PHE E 12 19.50 -11.25 -3.49
C PHE E 12 19.22 -12.61 -2.85
N LYS E 13 20.06 -13.00 -1.89
CA LYS E 13 19.90 -14.27 -1.21
C LYS E 13 19.31 -14.09 0.19
N LEU E 14 17.98 -14.14 0.28
CA LEU E 14 17.28 -13.97 1.54
C LEU E 14 17.35 -15.22 2.40
N PRO E 15 17.43 -15.05 3.73
CA PRO E 15 17.48 -16.20 4.64
C PRO E 15 16.25 -17.08 4.41
N ASN E 16 16.42 -18.40 4.52
CA ASN E 16 15.30 -19.31 4.33
C ASN E 16 14.98 -20.18 5.54
N THR E 17 15.64 -19.89 6.66
CA THR E 17 15.38 -20.60 7.90
C THR E 17 15.33 -19.61 9.03
N VAL E 18 14.60 -19.97 10.08
CA VAL E 18 14.49 -19.13 11.25
C VAL E 18 14.62 -20.06 12.44
N SER E 19 15.41 -19.66 13.42
CA SER E 19 15.63 -20.47 14.61
C SER E 19 15.41 -19.66 15.87
N LEU E 20 14.59 -20.19 16.76
CA LEU E 20 14.30 -19.53 18.02
C LEU E 20 15.25 -20.02 19.09
N VAL E 21 15.87 -19.08 19.78
CA VAL E 21 16.79 -19.39 20.87
C VAL E 21 16.54 -18.40 22.01
N ALA E 22 16.96 -18.79 23.20
CA ALA E 22 16.78 -17.94 24.35
C ALA E 22 17.81 -18.39 25.36
N GLY E 23 18.23 -17.46 26.20
CA GLY E 23 19.21 -17.76 27.21
C GLY E 23 19.28 -16.63 28.21
N SER E 24 20.03 -16.86 29.28
CA SER E 24 20.20 -15.86 30.32
C SER E 24 21.55 -16.11 30.95
N SER E 25 22.07 -15.09 31.64
CA SER E 25 23.35 -15.21 32.30
C SER E 25 23.64 -14.01 33.17
N GLU E 26 24.42 -14.27 34.21
CA GLU E 26 24.87 -13.24 35.12
C GLU E 26 26.09 -12.66 34.42
N GLY E 27 26.46 -11.44 34.78
CA GLY E 27 27.63 -10.81 34.18
C GLY E 27 28.15 -9.69 35.05
N GLU E 28 29.45 -9.44 34.99
CA GLU E 28 30.07 -8.38 35.79
C GLU E 28 29.67 -7.00 35.31
N THR E 29 29.24 -6.91 34.05
CA THR E 29 28.79 -5.66 33.45
C THR E 29 27.61 -6.03 32.56
N PRO E 30 26.81 -5.04 32.15
CA PRO E 30 25.66 -5.31 31.29
C PRO E 30 26.04 -6.05 30.00
N LEU E 31 27.10 -5.60 29.34
CA LEU E 31 27.54 -6.22 28.10
C LEU E 31 28.09 -7.63 28.30
N ASN E 32 28.74 -7.88 29.44
CA ASN E 32 29.26 -9.21 29.71
C ASN E 32 28.12 -10.17 29.99
N ALA E 33 27.07 -9.67 30.64
CA ALA E 33 25.88 -10.47 30.94
C ALA E 33 25.15 -10.78 29.63
N PHE E 34 25.14 -9.79 28.72
CA PHE E 34 24.50 -9.97 27.41
C PHE E 34 25.27 -11.04 26.65
N ASP E 35 26.59 -10.91 26.65
CA ASP E 35 27.48 -11.86 25.99
C ASP E 35 27.22 -13.25 26.60
N GLY E 36 27.12 -13.30 27.93
CA GLY E 36 26.85 -14.56 28.61
C GLY E 36 25.51 -15.14 28.19
N ALA E 37 24.50 -14.27 28.07
CA ALA E 37 23.15 -14.69 27.66
C ALA E 37 23.19 -15.33 26.28
N LEU E 38 23.95 -14.71 25.37
CA LEU E 38 24.10 -15.23 24.00
C LEU E 38 24.70 -16.63 24.02
N LEU E 39 25.75 -16.80 24.80
CA LEU E 39 26.42 -18.10 24.93
C LEU E 39 25.44 -19.15 25.48
N ASN E 40 24.73 -18.78 26.54
CA ASN E 40 23.75 -19.68 27.17
C ASN E 40 22.65 -20.03 26.17
N ALA E 41 22.31 -19.07 25.32
CA ALA E 41 21.29 -19.26 24.30
C ALA E 41 21.81 -20.15 23.16
N GLY E 42 23.12 -20.37 23.14
CA GLY E 42 23.71 -21.20 22.11
C GLY E 42 23.98 -20.44 20.84
N ILE E 43 23.95 -19.11 20.91
CA ILE E 43 24.21 -18.27 19.76
C ILE E 43 25.33 -17.28 20.09
N GLY E 44 26.29 -17.76 20.85
CA GLY E 44 27.43 -16.94 21.22
C GLY E 44 28.50 -17.07 20.14
N ASN E 45 29.48 -16.19 20.21
CA ASN E 45 30.60 -16.19 19.27
C ASN E 45 30.28 -15.86 17.83
N VAL E 46 29.16 -15.16 17.61
CA VAL E 46 28.75 -14.74 16.27
C VAL E 46 28.32 -13.28 16.29
N ASN E 47 28.28 -12.66 15.11
CA ASN E 47 27.87 -11.27 14.98
C ASN E 47 26.39 -11.13 14.69
N LEU E 48 25.63 -10.74 15.70
CA LEU E 48 24.19 -10.55 15.52
C LEU E 48 23.92 -9.20 14.86
N ILE E 49 23.20 -9.24 13.75
CA ILE E 49 22.82 -8.02 13.04
C ILE E 49 21.33 -7.91 13.33
N ARG E 50 20.95 -6.93 14.14
CA ARG E 50 19.55 -6.77 14.49
C ARG E 50 18.65 -6.41 13.32
N ILE E 51 17.59 -7.20 13.15
CA ILE E 51 16.62 -6.96 12.09
C ILE E 51 15.34 -6.50 12.78
N SER E 52 14.41 -5.96 12.00
CA SER E 52 13.16 -5.47 12.56
C SER E 52 12.19 -6.55 13.02
N ALA E 53 11.60 -7.32 12.10
CA ALA E 53 10.62 -8.33 12.50
C ALA E 53 10.01 -9.21 11.41
N ILE E 54 10.78 -9.64 10.41
CA ILE E 54 10.18 -10.45 9.34
C ILE E 54 10.82 -11.77 8.95
N MET E 55 10.02 -12.84 8.98
CA MET E 55 10.48 -14.16 8.57
C MET E 55 10.12 -14.21 7.09
N PRO E 56 11.10 -14.43 6.21
CA PRO E 56 10.83 -14.48 4.76
C PRO E 56 9.79 -15.55 4.42
N PRO E 57 9.00 -15.31 3.36
CA PRO E 57 7.98 -16.29 2.95
C PRO E 57 8.63 -17.65 2.71
N GLU E 58 7.95 -18.70 3.16
CA GLU E 58 8.42 -20.08 3.01
C GLU E 58 9.63 -20.47 3.84
N ALA E 59 10.12 -19.55 4.68
CA ALA E 59 11.27 -19.87 5.52
C ALA E 59 10.82 -20.97 6.48
N GLU E 60 11.72 -21.89 6.78
CA GLU E 60 11.40 -23.00 7.67
C GLU E 60 11.92 -22.75 9.08
N ILE E 61 11.14 -23.17 10.07
CA ILE E 61 11.57 -23.05 11.46
C ILE E 61 12.37 -24.30 11.73
N VAL E 62 13.67 -24.12 11.93
CA VAL E 62 14.57 -25.24 12.17
C VAL E 62 15.37 -25.00 13.44
N PRO E 63 16.03 -26.06 13.94
CA PRO E 63 16.85 -25.94 15.15
C PRO E 63 18.03 -25.06 14.72
N LEU E 64 18.56 -24.26 15.65
CA LEU E 64 19.70 -23.40 15.32
C LEU E 64 20.80 -24.22 14.67
N PRO E 65 21.21 -23.84 13.44
CA PRO E 65 22.26 -24.55 12.72
C PRO E 65 23.62 -24.28 13.35
N LYS E 66 24.61 -25.05 12.92
CA LYS E 66 25.98 -24.88 13.42
C LYS E 66 26.47 -23.62 12.71
N LEU E 67 26.65 -22.55 13.47
CA LEU E 67 27.10 -21.28 12.91
C LEU E 67 28.61 -21.10 13.06
N PRO E 68 29.28 -20.65 11.99
CA PRO E 68 30.73 -20.42 12.06
C PRO E 68 30.94 -19.24 13.01
N MET E 69 31.98 -19.29 13.83
CA MET E 69 32.24 -18.18 14.75
C MET E 69 32.45 -16.90 13.93
N GLY E 70 31.86 -15.80 14.40
CA GLY E 70 32.00 -14.53 13.72
C GLY E 70 30.99 -14.31 12.61
N ALA E 71 30.13 -15.29 12.38
CA ALA E 71 29.11 -15.20 11.34
C ALA E 71 28.22 -13.97 11.49
N LEU E 72 27.84 -13.38 10.36
CA LEU E 72 26.96 -12.23 10.37
C LEU E 72 25.55 -12.82 10.31
N VAL E 73 24.87 -12.83 11.44
CA VAL E 73 23.55 -13.43 11.54
C VAL E 73 22.40 -12.45 11.70
N PRO E 74 21.52 -12.33 10.69
CA PRO E 74 20.38 -11.41 10.77
C PRO E 74 19.52 -11.98 11.89
N THR E 75 19.38 -11.22 12.97
CA THR E 75 18.65 -11.71 14.13
C THR E 75 17.66 -10.73 14.71
N ALA E 76 16.44 -11.21 14.95
CA ALA E 76 15.42 -10.40 15.58
C ALA E 76 15.54 -10.84 17.02
N TYR E 77 15.88 -9.93 17.90
CA TYR E 77 16.00 -10.31 19.30
C TYR E 77 15.54 -9.26 20.28
N GLY E 78 15.31 -9.72 21.50
CA GLY E 78 14.89 -8.86 22.57
C GLY E 78 15.70 -9.28 23.77
N TYR E 79 16.14 -8.29 24.55
CA TYR E 79 16.92 -8.58 25.74
C TYR E 79 16.57 -7.58 26.82
N ILE E 80 16.84 -7.97 28.06
CA ILE E 80 16.60 -7.11 29.20
C ILE E 80 17.70 -7.37 30.20
N ILE E 81 18.29 -6.29 30.70
CA ILE E 81 19.36 -6.37 31.66
C ILE E 81 18.91 -5.73 32.97
N SER E 82 19.23 -6.38 34.08
CA SER E 82 18.86 -5.86 35.39
C SER E 82 19.96 -6.11 36.40
N ASP E 83 20.24 -5.08 37.21
CA ASP E 83 21.24 -5.16 38.27
C ASP E 83 20.57 -5.12 39.64
N VAL E 84 19.29 -5.52 39.67
CA VAL E 84 18.50 -5.56 40.89
C VAL E 84 18.39 -7.02 41.37
N PRO E 85 19.08 -7.35 42.48
CA PRO E 85 19.06 -8.71 43.04
C PRO E 85 17.65 -9.23 43.31
N GLY E 86 17.42 -10.49 42.98
CA GLY E 86 16.13 -11.11 43.20
C GLY E 86 15.08 -10.83 42.13
N GLU E 87 15.28 -9.75 41.36
CA GLU E 87 14.34 -9.38 40.31
C GLU E 87 14.30 -10.39 39.16
N THR E 88 13.09 -10.78 38.77
CA THR E 88 12.92 -11.72 37.68
C THR E 88 12.67 -10.98 36.38
N ILE E 89 13.52 -11.24 35.39
CA ILE E 89 13.40 -10.60 34.08
C ILE E 89 13.21 -11.66 33.02
N SER E 90 12.42 -11.33 32.00
CA SER E 90 12.14 -12.27 30.93
C SER E 90 12.21 -11.66 29.55
N ALA E 91 12.52 -12.50 28.58
CA ALA E 91 12.59 -12.09 27.18
C ALA E 91 11.90 -13.20 26.41
N ALA E 92 11.13 -12.83 25.40
CA ALA E 92 10.42 -13.81 24.59
C ALA E 92 10.44 -13.40 23.12
N ILE E 93 10.29 -14.39 22.25
CA ILE E 93 10.26 -14.18 20.82
C ILE E 93 9.11 -15.00 20.25
N SER E 94 8.38 -14.42 19.32
CA SER E 94 7.28 -15.12 18.68
C SER E 94 7.39 -14.95 17.18
N VAL E 95 7.05 -16.02 16.47
CA VAL E 95 7.05 -16.01 15.02
C VAL E 95 5.69 -16.47 14.56
N ALA E 96 4.91 -15.54 14.02
CA ALA E 96 3.59 -15.82 13.52
C ALA E 96 3.74 -16.30 12.08
N ILE E 97 3.21 -17.49 11.81
CA ILE E 97 3.28 -18.12 10.48
C ILE E 97 1.94 -17.97 9.75
N PRO E 98 1.98 -17.55 8.47
CA PRO E 98 0.76 -17.38 7.68
C PRO E 98 0.21 -18.65 7.05
N LYS E 99 -1.09 -18.65 6.80
CA LYS E 99 -1.74 -19.78 6.14
C LYS E 99 -1.38 -19.65 4.66
N ASP E 100 -1.34 -18.42 4.17
CA ASP E 100 -0.96 -18.12 2.80
C ASP E 100 0.57 -18.15 2.78
N LYS E 101 1.14 -19.24 2.28
CA LYS E 101 2.58 -19.42 2.23
C LYS E 101 3.34 -18.43 1.34
N SER E 102 2.63 -17.59 0.58
CA SER E 102 3.29 -16.61 -0.27
C SER E 102 3.60 -15.39 0.60
N LEU E 103 2.97 -15.32 1.77
CA LEU E 103 3.18 -14.20 2.68
C LEU E 103 4.33 -14.49 3.64
N CYS E 104 4.79 -13.45 4.31
CA CYS E 104 5.88 -13.59 5.26
C CYS E 104 5.36 -13.87 6.66
N GLY E 105 6.28 -14.29 7.53
CA GLY E 105 5.92 -14.53 8.90
C GLY E 105 6.30 -13.28 9.65
N LEU E 106 5.67 -13.07 10.81
N LEU E 106 5.68 -13.07 10.82
CA LEU E 106 5.95 -11.90 11.63
CA LEU E 106 5.98 -11.91 11.64
C LEU E 106 6.71 -12.33 12.88
C LEU E 106 6.73 -12.34 12.88
N ILE E 107 7.81 -11.62 13.18
CA ILE E 107 8.61 -11.93 14.35
C ILE E 107 8.42 -10.81 15.36
N MET E 108 7.95 -11.16 16.54
CA MET E 108 7.75 -10.17 17.58
C MET E 108 8.69 -10.50 18.73
N GLU E 109 9.13 -9.47 19.44
CA GLU E 109 10.01 -9.65 20.58
C GLU E 109 9.44 -8.89 21.76
N TYR E 110 9.66 -9.41 22.95
CA TYR E 110 9.17 -8.77 24.16
C TYR E 110 10.08 -9.10 25.32
N GLU E 111 10.23 -8.14 26.21
CA GLU E 111 11.05 -8.31 27.40
C GLU E 111 10.43 -7.45 28.49
N GLY E 112 10.56 -7.92 29.73
CA GLY E 112 10.01 -7.18 30.85
C GLY E 112 10.35 -7.82 32.17
N LYS E 113 10.01 -7.13 33.25
CA LYS E 113 10.24 -7.63 34.59
C LYS E 113 9.04 -8.51 34.93
N CYS E 114 8.98 -9.66 34.28
CA CYS E 114 7.89 -10.61 34.46
C CYS E 114 8.41 -12.04 34.34
N SER E 115 7.50 -13.00 34.44
CA SER E 115 7.85 -14.40 34.35
C SER E 115 8.01 -14.85 32.91
N LYS E 116 8.57 -16.04 32.73
CA LYS E 116 8.78 -16.65 31.43
C LYS E 116 7.45 -16.84 30.71
N LYS E 117 6.45 -17.32 31.46
CA LYS E 117 5.11 -17.56 30.90
C LYS E 117 4.38 -16.28 30.49
N GLU E 118 4.51 -15.23 31.29
CA GLU E 118 3.86 -13.97 30.97
C GLU E 118 4.47 -13.34 29.73
N ALA E 119 5.79 -13.45 29.61
CA ALA E 119 6.51 -12.89 28.47
C ALA E 119 6.12 -13.61 27.18
N GLU E 120 6.07 -14.94 27.24
CA GLU E 120 5.70 -15.72 26.07
C GLU E 120 4.26 -15.45 25.68
N LYS E 121 3.39 -15.30 26.67
CA LYS E 121 1.97 -15.03 26.42
C LYS E 121 1.83 -13.68 25.73
N THR E 122 2.55 -12.69 26.23
CA THR E 122 2.53 -11.33 25.69
C THR E 122 3.07 -11.26 24.27
N VAL E 123 4.21 -11.90 24.03
CA VAL E 123 4.82 -11.87 22.71
C VAL E 123 3.98 -12.59 21.65
N ARG E 124 3.30 -13.66 22.06
CA ARG E 124 2.44 -14.40 21.13
C ARG E 124 1.25 -13.54 20.73
N GLU E 125 0.71 -12.80 21.70
CA GLU E 125 -0.42 -11.93 21.44
C GLU E 125 -0.02 -10.81 20.47
N MET E 126 1.20 -10.30 20.65
CA MET E 126 1.73 -9.25 19.79
C MET E 126 1.85 -9.75 18.34
N ALA E 127 2.19 -11.02 18.19
CA ALA E 127 2.32 -11.64 16.88
C ALA E 127 0.94 -11.75 16.25
N LYS E 128 -0.04 -12.13 17.07
CA LYS E 128 -1.42 -12.28 16.64
C LYS E 128 -1.94 -10.92 16.16
N ILE E 129 -1.67 -9.88 16.94
CA ILE E 129 -2.09 -8.52 16.61
C ILE E 129 -1.50 -8.06 15.28
N GLY E 130 -0.23 -8.40 15.05
CA GLY E 130 0.42 -8.00 13.81
C GLY E 130 -0.26 -8.59 12.59
N PHE E 131 -0.73 -9.83 12.70
CA PHE E 131 -1.44 -10.48 11.61
C PHE E 131 -2.81 -9.87 11.43
N GLU E 132 -3.43 -9.47 12.53
CA GLU E 132 -4.74 -8.84 12.51
C GLU E 132 -4.62 -7.48 11.83
N MET E 133 -3.53 -6.76 12.11
CA MET E 133 -3.31 -5.45 11.50
C MET E 133 -3.13 -5.60 10.00
N ARG E 134 -2.53 -6.71 9.58
CA ARG E 134 -2.32 -6.96 8.16
C ARG E 134 -3.54 -7.61 7.52
N GLY E 135 -4.42 -8.17 8.36
CA GLY E 135 -5.59 -8.85 7.86
C GLY E 135 -5.21 -10.15 7.19
N TRP E 136 -4.21 -10.83 7.74
CA TRP E 136 -3.73 -12.09 7.20
C TRP E 136 -4.19 -13.26 8.05
N GLU E 137 -4.49 -14.38 7.40
CA GLU E 137 -4.92 -15.58 8.12
C GLU E 137 -3.71 -16.21 8.82
N LEU E 138 -3.79 -16.29 10.14
CA LEU E 138 -2.71 -16.86 10.94
C LEU E 138 -2.79 -18.38 10.99
N ASP E 139 -1.70 -19.04 10.64
CA ASP E 139 -1.63 -20.49 10.68
C ASP E 139 -1.35 -20.91 12.12
N ARG E 140 -0.24 -20.42 12.67
CA ARG E 140 0.15 -20.74 14.03
C ARG E 140 1.26 -19.79 14.47
N ILE E 141 1.59 -19.85 15.76
CA ILE E 141 2.65 -19.02 16.31
C ILE E 141 3.64 -19.90 17.04
N GLU E 142 4.90 -19.79 16.65
CA GLU E 142 5.98 -20.52 17.30
C GLU E 142 6.65 -19.50 18.19
N SER E 143 6.84 -19.85 19.45
CA SER E 143 7.46 -18.92 20.38
C SER E 143 8.46 -19.58 21.32
N ILE E 144 9.19 -18.74 22.03
CA ILE E 144 10.19 -19.19 22.99
C ILE E 144 10.37 -18.05 23.97
N ALA E 145 10.65 -18.40 25.23
CA ALA E 145 10.85 -17.41 26.26
C ALA E 145 11.82 -17.95 27.29
N VAL E 146 12.41 -17.04 28.06
CA VAL E 146 13.35 -17.41 29.10
C VAL E 146 13.26 -16.40 30.22
N GLU E 147 13.43 -16.86 31.45
CA GLU E 147 13.39 -15.97 32.60
C GLU E 147 14.70 -16.08 33.34
N HIS E 148 15.07 -15.02 34.04
CA HIS E 148 16.30 -14.98 34.80
C HIS E 148 16.07 -14.24 36.10
N THR E 149 16.41 -14.88 37.20
CA THR E 149 16.29 -14.26 38.51
C THR E 149 17.68 -13.73 38.81
N VAL E 150 17.80 -12.41 38.83
CA VAL E 150 19.06 -11.73 39.05
C VAL E 150 19.69 -11.99 40.42
N GLU E 151 20.97 -12.35 40.41
CA GLU E 151 21.72 -12.57 41.64
C GLU E 151 22.40 -11.23 41.90
N LYS E 152 23.14 -10.74 40.91
CA LYS E 152 23.84 -9.46 41.00
C LYS E 152 23.53 -8.62 39.76
N LEU E 153 23.77 -9.18 38.59
CA LEU E 153 23.51 -8.49 37.33
C LEU E 153 23.25 -9.57 36.28
N GLY E 154 22.04 -9.56 35.72
CA GLY E 154 21.69 -10.57 34.73
C GLY E 154 21.03 -10.05 33.48
N CYS E 155 21.01 -10.92 32.47
CA CYS E 155 20.40 -10.60 31.19
C CYS E 155 19.55 -11.74 30.66
N ALA E 156 18.33 -11.41 30.25
CA ALA E 156 17.42 -12.38 29.65
C ALA E 156 17.45 -12.02 28.17
N PHE E 157 17.60 -13.04 27.33
CA PHE E 157 17.70 -12.83 25.90
C PHE E 157 16.90 -13.87 25.12
N ALA E 158 16.22 -13.42 24.08
CA ALA E 158 15.43 -14.31 23.23
C ALA E 158 15.61 -13.80 21.82
N ALA E 159 15.80 -14.72 20.89
CA ALA E 159 16.03 -14.35 19.51
C ALA E 159 15.45 -15.30 18.49
N ALA E 160 15.30 -14.76 17.29
CA ALA E 160 14.83 -15.50 16.13
C ALA E 160 15.95 -15.23 15.12
N ALA E 161 16.84 -16.20 14.98
CA ALA E 161 17.97 -16.06 14.07
C ALA E 161 17.64 -16.53 12.66
N LEU E 162 17.78 -15.64 11.69
CA LEU E 162 17.52 -15.98 10.31
C LEU E 162 18.80 -16.56 9.75
N TRP E 163 18.68 -17.68 9.04
CA TRP E 163 19.86 -18.30 8.45
C TRP E 163 19.54 -18.99 7.12
N TYR E 164 20.44 -19.87 6.68
CA TYR E 164 20.27 -20.56 5.40
C TYR E 164 20.46 -22.07 5.49
N LYS E 165 19.76 -22.80 4.62
CA LYS E 165 19.87 -24.24 4.57
C LYS E 165 19.90 -24.75 3.13
N LYS F 13 31.26 -13.92 1.95
CA LYS F 13 32.11 -14.49 3.04
C LYS F 13 32.17 -13.55 4.24
N LEU F 14 32.77 -14.03 5.34
CA LEU F 14 32.89 -13.25 6.56
C LEU F 14 34.02 -12.24 6.53
N PRO F 15 33.87 -11.14 7.28
CA PRO F 15 34.91 -10.10 7.33
C PRO F 15 36.19 -10.72 7.90
N ASN F 16 37.33 -10.32 7.36
CA ASN F 16 38.60 -10.85 7.84
C ASN F 16 39.51 -9.79 8.44
N THR F 17 39.00 -8.57 8.61
CA THR F 17 39.77 -7.51 9.23
C THR F 17 38.92 -6.71 10.19
N VAL F 18 39.58 -6.16 11.21
N VAL F 18 39.59 -6.17 11.21
CA VAL F 18 38.90 -5.33 12.19
CA VAL F 18 38.94 -5.35 12.23
C VAL F 18 39.76 -4.10 12.41
C VAL F 18 39.77 -4.09 12.41
N SER F 19 39.11 -2.94 12.38
CA SER F 19 39.83 -1.68 12.55
C SER F 19 39.20 -0.91 13.69
N LEU F 20 40.04 -0.51 14.64
N LEU F 20 40.03 -0.53 14.66
CA LEU F 20 39.59 0.24 15.80
CA LEU F 20 39.57 0.23 15.81
C LEU F 20 39.75 1.73 15.53
C LEU F 20 39.74 1.72 15.53
N VAL F 21 38.65 2.46 15.66
CA VAL F 21 38.65 3.89 15.44
C VAL F 21 37.84 4.53 16.55
N ALA F 22 38.07 5.82 16.74
CA ALA F 22 37.36 6.56 17.77
C ALA F 22 37.44 8.03 17.44
N GLY F 23 36.42 8.75 17.86
CA GLY F 23 36.40 10.17 17.59
C GLY F 23 35.35 10.83 18.43
N SER F 24 35.40 12.15 18.46
CA SER F 24 34.44 12.92 19.22
C SER F 24 34.17 14.20 18.46
N SER F 25 33.04 14.81 18.74
CA SER F 25 32.69 16.04 18.07
C SER F 25 31.49 16.70 18.71
N GLU F 26 31.43 18.01 18.52
CA GLU F 26 30.33 18.81 18.99
C GLU F 26 29.34 18.76 17.82
N GLY F 27 28.10 19.14 18.07
CA GLY F 27 27.12 19.13 17.00
C GLY F 27 25.90 19.93 17.41
N GLU F 28 25.23 20.51 16.42
CA GLU F 28 24.04 21.31 16.70
C GLU F 28 22.88 20.45 17.19
N THR F 29 22.95 19.14 16.91
CA THR F 29 21.93 18.18 17.34
C THR F 29 22.65 16.88 17.66
N PRO F 30 22.00 15.98 18.41
CA PRO F 30 22.62 14.69 18.75
C PRO F 30 23.13 13.94 17.53
N LEU F 31 22.30 13.86 16.48
CA LEU F 31 22.68 13.15 15.27
C LEU F 31 23.81 13.84 14.52
N ASN F 32 23.82 15.18 14.53
CA ASN F 32 24.91 15.93 13.87
C ASN F 32 26.21 15.72 14.64
N ALA F 33 26.10 15.60 15.96
CA ALA F 33 27.26 15.37 16.81
C ALA F 33 27.77 13.96 16.55
N PHE F 34 26.85 13.01 16.45
CA PHE F 34 27.21 11.62 16.17
C PHE F 34 27.93 11.58 14.82
N ASP F 35 27.34 12.23 13.83
CA ASP F 35 27.91 12.28 12.48
C ASP F 35 29.30 12.90 12.54
N GLY F 36 29.43 13.97 13.33
CA GLY F 36 30.70 14.64 13.49
C GLY F 36 31.74 13.74 14.13
N ALA F 37 31.32 12.93 15.11
CA ALA F 37 32.21 12.01 15.78
C ALA F 37 32.69 10.92 14.82
N LEU F 38 31.79 10.40 13.98
CA LEU F 38 32.17 9.37 13.01
C LEU F 38 33.20 9.97 12.06
N LEU F 39 32.94 11.21 11.63
CA LEU F 39 33.83 11.92 10.73
C LEU F 39 35.20 12.10 11.39
N ASN F 40 35.19 12.48 12.67
CA ASN F 40 36.42 12.68 13.42
C ASN F 40 37.17 11.35 13.56
N ALA F 41 36.42 10.26 13.68
CA ALA F 41 36.98 8.91 13.80
C ALA F 41 37.54 8.41 12.49
N GLY F 42 37.05 8.96 11.38
CA GLY F 42 37.53 8.54 10.07
C GLY F 42 36.58 7.62 9.32
N ILE F 43 35.38 7.41 9.85
CA ILE F 43 34.40 6.55 9.18
C ILE F 43 33.09 7.29 9.01
N GLY F 44 33.18 8.59 8.79
CA GLY F 44 32.00 9.41 8.66
C GLY F 44 31.21 9.32 7.36
N ASN F 45 31.81 8.75 6.32
CA ASN F 45 31.10 8.64 5.05
C ASN F 45 30.75 7.22 4.63
N VAL F 46 30.54 6.36 5.62
CA VAL F 46 30.16 4.97 5.36
C VAL F 46 28.99 4.64 6.27
N ASN F 47 28.27 3.57 5.91
CA ASN F 47 27.14 3.15 6.71
C ASN F 47 27.53 2.15 7.75
N LEU F 48 27.32 2.51 9.01
CA LEU F 48 27.65 1.59 10.08
C LEU F 48 26.45 0.72 10.37
N ILE F 49 26.66 -0.59 10.32
CA ILE F 49 25.62 -1.56 10.63
C ILE F 49 26.08 -2.15 11.97
N ARG F 50 25.42 -1.74 13.04
CA ARG F 50 25.78 -2.19 14.37
C ARG F 50 25.66 -3.69 14.57
N ILE F 51 26.71 -4.29 15.13
CA ILE F 51 26.75 -5.73 15.40
C ILE F 51 27.01 -5.98 16.88
N SER F 52 26.67 -7.18 17.35
CA SER F 52 26.86 -7.56 18.74
C SER F 52 28.35 -7.61 19.09
N ALA F 53 29.19 -7.74 18.06
CA ALA F 53 30.65 -7.71 18.18
C ALA F 53 31.48 -8.97 18.42
N ILE F 54 31.91 -9.62 17.34
CA ILE F 54 32.77 -10.79 17.41
C ILE F 54 33.79 -10.73 16.27
N MET F 55 35.05 -10.84 16.62
CA MET F 55 36.11 -10.81 15.62
C MET F 55 36.24 -12.23 15.08
N PRO F 56 35.97 -12.43 13.78
CA PRO F 56 36.06 -13.76 13.17
C PRO F 56 37.44 -14.40 13.35
N PRO F 57 37.49 -15.74 13.45
CA PRO F 57 38.78 -16.42 13.61
C PRO F 57 39.66 -16.07 12.43
N GLU F 58 40.98 -16.01 12.64
CA GLU F 58 41.93 -15.68 11.58
C GLU F 58 41.81 -14.25 11.04
N ALA F 59 40.88 -13.48 11.58
CA ALA F 59 40.72 -12.08 11.17
C ALA F 59 41.91 -11.33 11.74
N GLU F 60 42.26 -10.19 11.14
CA GLU F 60 43.39 -9.42 11.62
C GLU F 60 43.04 -7.99 11.94
N ILE F 61 43.65 -7.45 12.99
CA ILE F 61 43.44 -6.05 13.34
C ILE F 61 44.34 -5.28 12.39
N VAL F 62 43.73 -4.45 11.56
CA VAL F 62 44.48 -3.67 10.57
C VAL F 62 44.10 -2.20 10.63
N PRO F 63 44.95 -1.31 10.09
CA PRO F 63 44.61 0.11 10.10
C PRO F 63 43.35 0.25 9.24
N LEU F 64 42.51 1.25 9.52
CA LEU F 64 41.29 1.41 8.75
C LEU F 64 41.61 1.46 7.25
N PRO F 65 41.03 0.53 6.47
CA PRO F 65 41.28 0.51 5.03
C PRO F 65 40.49 1.62 4.35
N LYS F 66 40.83 1.88 3.08
CA LYS F 66 40.13 2.88 2.29
C LYS F 66 38.74 2.30 2.00
N LEU F 67 37.73 2.82 2.68
CA LEU F 67 36.37 2.34 2.51
C LEU F 67 35.60 3.17 1.50
N PRO F 68 34.90 2.50 0.57
CA PRO F 68 34.12 3.20 -0.45
C PRO F 68 33.00 3.94 0.28
N MET F 69 32.74 5.18 -0.09
CA MET F 69 31.68 5.95 0.57
C MET F 69 30.33 5.24 0.49
N GLY F 70 29.65 5.19 1.63
CA GLY F 70 28.34 4.55 1.66
C GLY F 70 28.41 3.05 1.91
N ALA F 71 29.60 2.52 2.09
CA ALA F 71 29.78 1.08 2.34
C ALA F 71 28.99 0.63 3.56
N LEU F 72 28.44 -0.59 3.48
CA LEU F 72 27.67 -1.15 4.58
C LEU F 72 28.69 -1.89 5.44
N VAL F 73 29.19 -1.20 6.45
CA VAL F 73 30.22 -1.75 7.32
C VAL F 73 29.71 -2.29 8.64
N PRO F 74 29.83 -3.62 8.86
CA PRO F 74 29.39 -4.25 10.10
C PRO F 74 30.32 -3.64 11.14
N THR F 75 29.75 -2.96 12.12
CA THR F 75 30.58 -2.29 13.11
C THR F 75 30.09 -2.38 14.53
N ALA F 76 30.99 -2.79 15.41
CA ALA F 76 30.68 -2.86 16.82
C ALA F 76 31.06 -1.46 17.29
N TYR F 77 30.14 -0.76 17.92
CA TYR F 77 30.49 0.58 18.39
C TYR F 77 29.77 1.02 19.64
N GLY F 78 30.44 1.91 20.34
CA GLY F 78 29.88 2.47 21.55
C GLY F 78 29.89 3.97 21.34
N TYR F 79 28.86 4.63 21.84
CA TYR F 79 28.79 6.07 21.71
C TYR F 79 27.98 6.65 22.85
N ILE F 80 28.25 7.92 23.14
CA ILE F 80 27.54 8.62 24.19
C ILE F 80 27.44 10.06 23.75
N ILE F 81 26.25 10.62 23.94
CA ILE F 81 26.00 12.02 23.57
C ILE F 81 25.59 12.78 24.82
N SER F 82 26.14 13.97 24.99
CA SER F 82 25.81 14.80 26.13
C SER F 82 25.66 16.26 25.74
N ASP F 83 24.68 16.92 26.34
CA ASP F 83 24.42 18.33 26.10
C ASP F 83 24.72 19.14 27.36
N VAL F 84 25.45 18.52 28.29
CA VAL F 84 25.82 19.16 29.55
C VAL F 84 27.20 19.79 29.42
N PRO F 85 27.25 21.14 29.35
CA PRO F 85 28.52 21.86 29.22
C PRO F 85 29.50 21.45 30.31
N GLY F 86 30.76 21.23 29.92
CA GLY F 86 31.77 20.84 30.87
C GLY F 86 31.86 19.35 31.18
N GLU F 87 30.76 18.63 30.98
CA GLU F 87 30.75 17.19 31.27
C GLU F 87 31.64 16.44 30.29
N THR F 88 32.54 15.62 30.83
CA THR F 88 33.43 14.82 30.00
C THR F 88 32.80 13.46 29.74
N ILE F 89 32.74 13.09 28.47
CA ILE F 89 32.16 11.83 28.05
C ILE F 89 33.21 11.02 27.32
N SER F 90 33.13 9.70 27.44
CA SER F 90 34.09 8.83 26.80
C SER F 90 33.47 7.58 26.18
N ALA F 91 34.19 7.02 25.23
CA ALA F 91 33.78 5.81 24.54
C ALA F 91 35.05 5.03 24.25
N ALA F 92 34.96 3.71 24.38
CA ALA F 92 36.12 2.87 24.16
C ALA F 92 35.69 1.54 23.55
N ILE F 93 36.62 0.90 22.88
CA ILE F 93 36.35 -0.38 22.24
C ILE F 93 37.60 -1.22 22.43
N SER F 94 37.41 -2.52 22.66
CA SER F 94 38.53 -3.42 22.82
C SER F 94 38.25 -4.68 22.04
N VAL F 95 39.32 -5.36 21.67
CA VAL F 95 39.23 -6.62 20.94
C VAL F 95 40.16 -7.58 21.66
N ALA F 96 39.58 -8.60 22.27
CA ALA F 96 40.34 -9.61 22.99
C ALA F 96 40.72 -10.66 21.95
N ILE F 97 42.02 -10.79 21.70
CA ILE F 97 42.55 -11.73 20.72
C ILE F 97 42.98 -13.03 21.41
N PRO F 98 42.50 -14.18 20.92
CA PRO F 98 42.83 -15.48 21.49
C PRO F 98 44.20 -16.01 21.06
N LYS F 99 44.83 -16.79 21.95
CA LYS F 99 46.13 -17.39 21.65
C LYS F 99 45.89 -18.38 20.51
N ASP F 100 44.82 -19.17 20.64
CA ASP F 100 44.46 -20.15 19.62
C ASP F 100 43.73 -19.37 18.52
N LYS F 101 44.35 -19.30 17.35
CA LYS F 101 43.80 -18.56 16.22
C LYS F 101 42.52 -19.14 15.64
N SER F 102 42.19 -20.39 15.98
CA SER F 102 40.97 -21.00 15.48
C SER F 102 39.77 -20.42 16.23
N LEU F 103 40.04 -19.78 17.36
CA LEU F 103 38.99 -19.16 18.17
C LEU F 103 38.76 -17.73 17.70
N CYS F 104 37.56 -17.23 17.96
CA CYS F 104 37.22 -15.87 17.58
C CYS F 104 37.70 -14.88 18.62
N GLY F 105 37.78 -13.61 18.21
CA GLY F 105 38.18 -12.58 19.14
C GLY F 105 36.90 -11.97 19.67
N LEU F 106 36.97 -11.37 20.86
N LEU F 106 36.98 -11.37 20.86
CA LEU F 106 35.79 -10.77 21.47
CA LEU F 106 35.80 -10.75 21.46
C LEU F 106 35.90 -9.25 21.45
C LEU F 106 35.91 -9.24 21.42
N ILE F 107 34.86 -8.60 20.92
CA ILE F 107 34.85 -7.15 20.83
C ILE F 107 33.92 -6.57 21.87
N MET F 108 34.47 -5.69 22.71
CA MET F 108 33.70 -5.05 23.75
C MET F 108 33.70 -3.54 23.50
N GLU F 109 32.62 -2.90 23.93
CA GLU F 109 32.50 -1.46 23.78
C GLU F 109 31.96 -0.89 25.08
N TYR F 110 32.35 0.33 25.39
CA TYR F 110 31.89 0.99 26.61
C TYR F 110 31.84 2.48 26.37
N GLU F 111 30.95 3.13 27.10
CA GLU F 111 30.80 4.57 27.02
C GLU F 111 30.25 5.02 28.36
N GLY F 112 30.57 6.24 28.75
CA GLY F 112 30.08 6.75 30.01
C GLY F 112 30.58 8.14 30.27
N LYS F 113 30.13 8.71 31.38
CA LYS F 113 30.53 10.05 31.78
C LYS F 113 31.79 9.85 32.62
N CYS F 114 32.89 9.59 31.93
CA CYS F 114 34.18 9.36 32.57
C CYS F 114 35.30 9.73 31.62
N SER F 115 36.55 9.60 32.08
CA SER F 115 37.72 9.93 31.29
C SER F 115 38.07 8.83 30.29
N LYS F 116 38.91 9.17 29.32
CA LYS F 116 39.37 8.23 28.30
C LYS F 116 40.06 7.05 28.98
N LYS F 117 40.87 7.37 29.97
CA LYS F 117 41.62 6.37 30.74
C LYS F 117 40.70 5.36 31.42
N GLU F 118 39.66 5.87 32.10
CA GLU F 118 38.71 5.02 32.80
C GLU F 118 37.89 4.16 31.84
N ALA F 119 37.46 4.75 30.72
CA ALA F 119 36.69 4.02 29.72
C ALA F 119 37.52 2.88 29.12
N GLU F 120 38.78 3.17 28.82
CA GLU F 120 39.66 2.16 28.24
C GLU F 120 39.93 1.03 29.23
N LYS F 121 40.12 1.37 30.50
CA LYS F 121 40.37 0.37 31.53
C LYS F 121 39.15 -0.54 31.66
N THR F 122 37.96 0.05 31.64
CA THR F 122 36.72 -0.70 31.76
C THR F 122 36.50 -1.65 30.58
N VAL F 123 36.67 -1.14 29.36
CA VAL F 123 36.49 -1.95 28.16
C VAL F 123 37.51 -3.08 28.03
N ARG F 124 38.74 -2.85 28.49
CA ARG F 124 39.77 -3.89 28.43
C ARG F 124 39.42 -5.00 29.42
N GLU F 125 38.91 -4.60 30.59
CA GLU F 125 38.51 -5.55 31.61
C GLU F 125 37.33 -6.36 31.10
N MET F 126 36.42 -5.70 30.38
CA MET F 126 35.26 -6.40 29.82
C MET F 126 35.71 -7.47 28.84
N ALA F 127 36.72 -7.16 28.03
CA ALA F 127 37.24 -8.12 27.07
C ALA F 127 37.86 -9.29 27.85
N LYS F 128 38.63 -8.96 28.87
CA LYS F 128 39.28 -9.95 29.72
C LYS F 128 38.23 -10.88 30.33
N ILE F 129 37.15 -10.29 30.86
CA ILE F 129 36.06 -11.06 31.47
C ILE F 129 35.41 -12.01 30.45
N GLY F 130 35.25 -11.51 29.23
CA GLY F 130 34.65 -12.32 28.18
C GLY F 130 35.42 -13.60 27.94
N PHE F 131 36.75 -13.52 27.99
CA PHE F 131 37.59 -14.68 27.79
C PHE F 131 37.54 -15.59 29.02
N GLU F 132 37.42 -14.99 30.20
CA GLU F 132 37.34 -15.75 31.44
C GLU F 132 36.05 -16.56 31.47
N MET F 133 34.97 -15.97 30.99
CA MET F 133 33.68 -16.62 30.96
C MET F 133 33.71 -17.84 30.03
N ARG F 134 34.52 -17.73 28.98
CA ARG F 134 34.66 -18.81 28.00
C ARG F 134 35.75 -19.79 28.40
N GLY F 135 36.67 -19.34 29.24
CA GLY F 135 37.76 -20.19 29.66
C GLY F 135 38.76 -20.33 28.54
N TRP F 136 38.89 -19.30 27.72
CA TRP F 136 39.82 -19.30 26.60
C TRP F 136 41.10 -18.56 27.01
N GLU F 137 42.22 -18.93 26.39
CA GLU F 137 43.49 -18.28 26.71
C GLU F 137 43.61 -17.00 25.91
N LEU F 138 43.83 -15.90 26.63
CA LEU F 138 43.96 -14.58 26.04
C LEU F 138 45.38 -14.29 25.58
N ASP F 139 45.52 -13.95 24.30
CA ASP F 139 46.83 -13.61 23.75
C ASP F 139 47.09 -12.15 24.14
N ARG F 140 46.21 -11.27 23.68
CA ARG F 140 46.35 -9.85 23.99
C ARG F 140 45.04 -9.11 23.77
N ILE F 141 45.00 -7.88 24.26
CA ILE F 141 43.83 -7.04 24.12
C ILE F 141 44.25 -5.72 23.50
N GLU F 142 43.64 -5.38 22.36
N GLU F 142 43.61 -5.39 22.38
CA GLU F 142 43.93 -4.11 21.72
CA GLU F 142 43.86 -4.14 21.66
C GLU F 142 42.70 -3.24 21.95
C GLU F 142 42.66 -3.24 21.95
N SER F 143 42.93 -2.00 22.32
CA SER F 143 41.85 -1.08 22.61
C SER F 143 42.16 0.34 22.20
N ILE F 144 41.10 1.12 22.08
CA ILE F 144 41.21 2.51 21.71
C ILE F 144 40.11 3.18 22.52
N ALA F 145 40.33 4.43 22.89
CA ALA F 145 39.34 5.17 23.66
C ALA F 145 39.46 6.63 23.27
N VAL F 146 38.40 7.37 23.53
CA VAL F 146 38.39 8.78 23.22
C VAL F 146 37.49 9.48 24.24
N GLU F 147 37.88 10.70 24.60
CA GLU F 147 37.10 11.47 25.54
C GLU F 147 36.77 12.80 24.89
N HIS F 148 35.67 13.40 25.34
CA HIS F 148 35.23 14.67 24.82
C HIS F 148 34.63 15.47 25.95
N THR F 149 35.06 16.72 26.06
CA THR F 149 34.53 17.62 27.06
C THR F 149 33.50 18.46 26.33
N VAL F 150 32.24 18.23 26.67
CA VAL F 150 31.12 18.92 26.05
C VAL F 150 31.17 20.44 26.24
N GLU F 151 31.03 21.16 25.14
CA GLU F 151 30.99 22.63 25.18
C GLU F 151 29.52 23.00 25.21
N LYS F 152 28.76 22.42 24.27
CA LYS F 152 27.33 22.66 24.17
C LYS F 152 26.60 21.33 23.99
N LEU F 153 27.06 20.54 23.02
CA LEU F 153 26.47 19.24 22.74
C LEU F 153 27.54 18.43 22.03
N GLY F 154 28.03 17.39 22.70
CA GLY F 154 29.07 16.57 22.12
C GLY F 154 28.80 15.08 22.12
N CYS F 155 29.56 14.37 21.31
CA CYS F 155 29.43 12.92 21.19
C CYS F 155 30.80 12.27 21.17
N ALA F 156 30.95 11.19 21.94
CA ALA F 156 32.19 10.44 21.99
C ALA F 156 31.83 9.11 21.33
N PHE F 157 32.69 8.64 20.43
CA PHE F 157 32.42 7.42 19.68
C PHE F 157 33.67 6.56 19.52
N ALA F 158 33.50 5.25 19.67
CA ALA F 158 34.60 4.30 19.51
C ALA F 158 34.01 3.08 18.82
N ALA F 159 34.73 2.56 17.84
CA ALA F 159 34.22 1.43 17.10
C ALA F 159 35.27 0.47 16.60
N ALA F 160 34.80 -0.73 16.27
CA ALA F 160 35.62 -1.78 15.71
C ALA F 160 34.90 -2.09 14.40
N ALA F 161 35.46 -1.58 13.31
CA ALA F 161 34.85 -1.78 11.98
C ALA F 161 35.39 -3.05 11.34
N LEU F 162 34.48 -3.98 11.04
CA LEU F 162 34.85 -5.23 10.39
C LEU F 162 34.80 -5.01 8.89
N TRP F 163 35.82 -5.50 8.19
CA TRP F 163 35.88 -5.35 6.74
C TRP F 163 36.64 -6.49 6.07
N TYR F 164 37.04 -6.28 4.81
CA TYR F 164 37.73 -7.30 4.04
C TYR F 164 39.06 -6.84 3.45
N LYS F 165 40.02 -7.76 3.35
CA LYS F 165 41.33 -7.47 2.79
C LYS F 165 41.24 -7.17 1.31
#